data_8R7I
#
_entry.id   8R7I
#
_cell.length_a   163.500
_cell.length_b   163.500
_cell.length_c   89.210
_cell.angle_alpha   90.00
_cell.angle_beta   90.00
_cell.angle_gamma   120.00
#
_symmetry.space_group_name_H-M   'P 3 2 1'
#
loop_
_entity.id
_entity.type
_entity.pdbx_description
1 polymer 'Laccase BP76'
2 branched 2-acetamido-2-deoxy-beta-D-glucopyranose-(1-2)-alpha-D-mannopyranose-(1-3)-beta-D-mannopyranose-(1-4)-2-acetamido-2-deoxy-beta-D-glucopyranose-(1-4)-[alpha-L-fucopyranose-(1-3)][alpha-L-fucopyranose-(1-6)]2-acetamido-2-deoxy-beta-D-glucopyranose
3 branched 2-acetamido-2-deoxy-beta-D-glucopyranose-(1-2)-3-O-sulfo-alpha-D-mannopyranose-(1-3)-[alpha-D-mannopyranose-(1-6)]beta-D-mannopyranose-(1-4)-2-acetamido-2-deoxy-beta-D-glucopyranose-(1-4)-2-acetamido-2-deoxy-beta-D-glucopyranose
4 branched 3-O-sulfo-alpha-D-mannopyranose-(1-3)-[alpha-D-mannopyranose-(1-6)]beta-D-mannopyranose-(1-4)-2-acetamido-2-deoxy-beta-D-glucopyranose-(1-4)-[alpha-L-fucopyranose-(1-3)][alpha-L-fucopyranose-(1-6)]2-acetamido-2-deoxy-beta-D-glucopyranose
5 branched 2-acetamido-2-deoxy-beta-D-glucopyranose-(1-4)-2-acetamido-2-deoxy-beta-D-glucopyranose
6 non-polymer 2-methyl-5-oxidanyl-cyclohexa-2,5-diene-1,4-dione
7 non-polymer 1,4-benzoquinone
8 non-polymer 2-methylcyclohexa-2,5-diene-1,4-dione
9 non-polymer 'HYDROXIDE ION'
10 non-polymer 'COPPER (II) ION'
11 non-polymer 'CHLORIDE ION'
12 non-polymer 'SULFATE ION'
13 water water
#
_entity_poly.entity_id   1
_entity_poly.type   'polypeptide(L)'
_entity_poly.pdbx_seq_one_letter_code
;LNLESYLQPDRITRQEFLTPSNRNQCARECIAGEAPKICYYKWIAEDYVTLGPACGNCPANVTACDAPQCVVANGYEKSI
RTINRMVPGPSIQVCLGDRIIVDLQNKMAGNELAIHWHGVFQKGTQYMDGVPMLTQCSILEGDVFRYDFFANNEGTLYWH
SHDGLQ(LDO)LDGIQGSIVVRKPKSTDLNGDTYDLDVPDHTLLILDWINTTAGSRFPGLLQRLPGQEPITFLLEDRGPT
MLSSGQLIGPPVPYKEVWVESGKRFRLRLLGGLCTVTGVEFSIEDHDLTVIATDGGPIKPVTVTSFVIYSGERYDVVVNA
NQNPGTYWIHMKGLGVFPSPDEEVYQLALLRYSGTNEERNEVPSYNGGFARGGKVLNPQNATCAEGEGGVCVSQLVASIP
DKHNVLDRKPDENIVLGFGFYNYLHGPNPFNRGIYDRFFVVPDRNLMNSVMNNISFIAPPSPPLSQGRDIPDDVYCPIGR
SGFPQCPASDTMEGFCECVHLFRVPLGANVQIVMGDVTPASDLHHPFHLHGYDFFVIAMDQFRNGETLDSISSNLLETNL
KQSSLPARKDTIAVPSNGYAAIRFKADNPGFWFLHCHFMYHLATGMAVVFQVGEEGDWPPVPPNFPKCGSYQPTVSLEG
;
_entity_poly.pdbx_strand_id   A
#
# COMPACT_ATOMS: atom_id res chain seq x y z
N LEU A 1 17.44 4.43 29.15
CA LEU A 1 18.17 3.86 27.99
C LEU A 1 18.95 4.97 27.28
N ASN A 2 20.14 4.63 26.75
CA ASN A 2 20.78 5.43 25.70
C ASN A 2 20.25 4.93 24.33
N LEU A 3 19.22 5.63 23.80
CA LEU A 3 18.62 5.29 22.51
C LEU A 3 19.64 5.21 21.38
N GLU A 4 20.68 6.06 21.40
CA GLU A 4 21.66 6.11 20.32
CA GLU A 4 21.64 6.11 20.30
C GLU A 4 22.37 4.76 20.17
N SER A 5 22.49 3.97 21.25
N SER A 5 22.47 3.99 21.26
CA SER A 5 23.13 2.66 21.17
CA SER A 5 23.08 2.65 21.26
C SER A 5 22.30 1.67 20.33
C SER A 5 22.30 1.70 20.34
N TYR A 6 21.00 1.99 20.11
CA TYR A 6 20.10 1.13 19.34
C TYR A 6 19.85 1.67 17.94
N LEU A 7 20.58 2.72 17.55
CA LEU A 7 20.35 3.38 16.26
C LEU A 7 20.66 2.42 15.12
N GLN A 8 19.73 2.26 14.18
CA GLN A 8 19.87 1.40 13.02
C GLN A 8 20.35 2.18 11.81
N PRO A 9 21.16 1.57 10.94
CA PRO A 9 21.56 2.20 9.69
C PRO A 9 20.40 2.27 8.68
N ASP A 10 20.46 3.27 7.79
CA ASP A 10 19.51 3.49 6.71
C ASP A 10 19.52 2.33 5.70
N ARG A 11 20.69 1.71 5.46
CA ARG A 11 20.88 0.64 4.51
C ARG A 11 21.73 -0.47 5.17
N ILE A 12 21.45 -1.71 4.78
CA ILE A 12 22.20 -2.88 5.22
CA ILE A 12 22.14 -2.93 5.22
C ILE A 12 22.60 -3.67 3.96
N THR A 13 23.90 -4.00 3.83
CA THR A 13 24.36 -4.85 2.71
C THR A 13 23.93 -6.31 2.97
N ARG A 14 23.83 -7.14 1.94
CA ARG A 14 23.52 -8.55 2.13
C ARG A 14 24.52 -9.19 3.12
N GLN A 15 25.83 -8.90 2.99
CA GLN A 15 26.82 -9.50 3.87
C GLN A 15 26.62 -9.05 5.31
N GLU A 16 26.26 -7.76 5.54
CA GLU A 16 26.01 -7.29 6.92
C GLU A 16 24.80 -8.02 7.53
N PHE A 17 23.79 -8.30 6.71
CA PHE A 17 22.59 -9.02 7.16
C PHE A 17 22.97 -10.45 7.57
N LEU A 18 23.74 -11.14 6.73
CA LEU A 18 24.09 -12.56 6.91
C LEU A 18 25.07 -12.74 8.09
N THR A 19 26.02 -11.81 8.26
CA THR A 19 27.02 -11.87 9.34
C THR A 19 27.16 -10.48 9.98
N PRO A 20 26.22 -10.10 10.86
CA PRO A 20 26.23 -8.77 11.45
C PRO A 20 27.52 -8.48 12.25
N SER A 21 28.07 -7.27 12.14
CA SER A 21 29.25 -6.81 12.90
C SER A 21 28.83 -6.28 14.28
N ASN A 22 27.54 -6.01 14.50
CA ASN A 22 27.04 -5.39 15.73
CA ASN A 22 27.03 -5.37 15.72
C ASN A 22 25.88 -6.22 16.26
N ARG A 23 25.90 -6.54 17.57
N ARG A 23 25.87 -6.57 17.57
CA ARG A 23 24.84 -7.27 18.26
CA ARG A 23 24.78 -7.33 18.15
C ARG A 23 23.50 -6.50 18.25
C ARG A 23 23.49 -6.50 18.28
N ASN A 24 23.57 -5.17 18.08
CA ASN A 24 22.38 -4.29 18.14
C ASN A 24 21.70 -4.17 16.77
N GLN A 25 22.28 -4.73 15.69
CA GLN A 25 21.71 -4.66 14.35
C GLN A 25 20.40 -5.46 14.28
N CYS A 26 19.30 -4.81 13.89
CA CYS A 26 17.98 -5.47 13.87
C CYS A 26 17.76 -6.25 12.57
N ALA A 27 18.34 -5.82 11.46
CA ALA A 27 18.23 -6.51 10.19
C ALA A 27 19.10 -7.79 10.27
N ARG A 28 18.46 -8.95 10.48
CA ARG A 28 19.14 -10.19 10.83
C ARG A 28 18.28 -11.40 10.51
N GLU A 29 18.91 -12.57 10.38
CA GLU A 29 18.19 -13.85 10.38
C GLU A 29 17.78 -14.09 11.82
N CYS A 30 16.48 -14.13 12.07
CA CYS A 30 15.95 -14.21 13.43
C CYS A 30 16.23 -15.61 14.02
N ILE A 31 16.46 -15.64 15.32
CA ILE A 31 16.75 -16.89 16.07
C ILE A 31 15.55 -17.16 16.98
N ALA A 32 14.94 -18.33 16.85
CA ALA A 32 13.78 -18.75 17.64
C ALA A 32 14.15 -18.66 19.13
N GLY A 33 13.32 -18.00 19.92
CA GLY A 33 13.50 -17.90 21.36
C GLY A 33 14.49 -16.81 21.83
N GLU A 34 15.14 -16.07 20.91
N GLU A 34 15.17 -16.09 20.93
CA GLU A 34 16.09 -15.01 21.25
CA GLU A 34 16.10 -15.08 21.40
C GLU A 34 15.34 -13.78 21.79
C GLU A 34 15.32 -13.82 21.84
N ALA A 35 15.90 -13.06 22.78
CA ALA A 35 15.28 -11.87 23.34
C ALA A 35 15.00 -10.86 22.21
N PRO A 36 13.85 -10.15 22.22
N PRO A 36 13.82 -10.23 22.15
CA PRO A 36 13.60 -9.12 21.21
CA PRO A 36 13.61 -9.13 21.20
C PRO A 36 14.57 -7.94 21.35
C PRO A 36 14.58 -7.95 21.35
N LYS A 37 14.78 -7.19 20.27
CA LYS A 37 15.67 -6.02 20.26
C LYS A 37 14.84 -4.73 20.29
N ILE A 38 15.50 -3.64 20.68
CA ILE A 38 15.01 -2.29 20.49
C ILE A 38 15.66 -1.78 19.21
N CYS A 39 14.83 -1.35 18.27
CA CYS A 39 15.30 -0.89 16.97
C CYS A 39 14.93 0.60 16.82
N TYR A 40 15.95 1.48 16.94
CA TYR A 40 15.77 2.93 16.93
C TYR A 40 16.16 3.49 15.57
N TYR A 41 15.29 4.36 15.02
CA TYR A 41 15.45 5.00 13.72
C TYR A 41 15.36 6.51 13.90
N LYS A 42 16.30 7.24 13.33
CA LYS A 42 16.30 8.69 13.38
C LYS A 42 16.12 9.19 11.94
N TRP A 43 14.96 9.78 11.70
CA TRP A 43 14.50 10.12 10.35
C TRP A 43 14.26 11.64 10.25
N ILE A 44 14.75 12.26 9.18
CA ILE A 44 14.47 13.66 8.88
C ILE A 44 13.76 13.74 7.54
N ALA A 45 12.57 14.38 7.54
CA ALA A 45 11.80 14.68 6.34
C ALA A 45 12.21 16.06 5.80
N GLU A 46 12.74 16.09 4.57
CA GLU A 46 13.20 17.31 3.92
C GLU A 46 12.52 17.51 2.56
N ASP A 47 12.51 18.77 2.13
CA ASP A 47 12.41 19.18 0.73
C ASP A 47 13.75 18.81 0.08
N TYR A 48 13.74 18.04 -1.01
CA TYR A 48 14.97 17.61 -1.66
C TYR A 48 14.72 17.54 -3.17
N VAL A 49 15.65 16.91 -3.88
CA VAL A 49 15.70 16.90 -5.34
C VAL A 49 16.10 15.53 -5.84
N THR A 50 15.71 15.21 -7.09
CA THR A 50 16.33 14.14 -7.87
C THR A 50 17.60 14.74 -8.51
N LEU A 51 18.58 13.89 -8.79
CA LEU A 51 19.92 14.29 -9.24
C LEU A 51 20.45 15.38 -8.30
N GLY A 52 20.92 16.50 -8.84
CA GLY A 52 21.45 17.58 -8.00
C GLY A 52 22.85 17.29 -7.46
N PRO A 53 23.28 18.07 -6.46
CA PRO A 53 24.66 18.06 -5.98
C PRO A 53 25.17 16.72 -5.45
N ALA A 54 24.32 15.88 -4.84
CA ALA A 54 24.76 14.58 -4.32
C ALA A 54 25.00 13.55 -5.43
N CYS A 55 24.56 13.80 -6.68
CA CYS A 55 24.50 12.77 -7.70
C CYS A 55 25.64 12.91 -8.72
N GLY A 56 26.52 13.91 -8.59
CA GLY A 56 27.64 14.09 -9.52
C GLY A 56 27.17 13.98 -10.97
N ASN A 57 27.80 13.11 -11.77
CA ASN A 57 27.50 12.97 -13.19
C ASN A 57 26.60 11.75 -13.46
N CYS A 58 25.80 11.35 -12.47
CA CYS A 58 24.79 10.29 -12.67
C CYS A 58 23.82 10.80 -13.73
N PRO A 59 23.36 9.99 -14.71
CA PRO A 59 23.79 8.61 -14.92
C PRO A 59 24.83 8.33 -16.01
N ALA A 60 25.43 9.35 -16.62
CA ALA A 60 26.58 9.17 -17.51
C ALA A 60 27.65 8.40 -16.76
N ASN A 61 27.86 8.75 -15.48
CA ASN A 61 28.68 7.99 -14.54
C ASN A 61 27.70 7.15 -13.70
N VAL A 62 27.63 5.84 -13.95
N VAL A 62 27.63 5.83 -13.94
CA VAL A 62 26.62 4.96 -13.33
CA VAL A 62 26.62 4.96 -13.33
C VAL A 62 26.92 4.77 -11.85
C VAL A 62 26.92 4.76 -11.85
N THR A 63 28.21 4.79 -11.46
CA THR A 63 28.63 4.63 -10.06
C THR A 63 28.13 5.81 -9.23
N ALA A 64 28.12 7.02 -9.80
CA ALA A 64 27.67 8.22 -9.06
C ALA A 64 26.22 8.05 -8.59
N CYS A 65 25.40 7.30 -9.36
CA CYS A 65 23.98 7.09 -9.03
C CYS A 65 23.82 6.43 -7.66
N ASP A 66 24.85 5.68 -7.19
CA ASP A 66 24.81 4.89 -5.96
C ASP A 66 25.28 5.69 -4.75
N ALA A 67 25.60 6.98 -4.90
CA ALA A 67 25.97 7.80 -3.74
C ALA A 67 24.83 7.81 -2.71
N PRO A 68 25.11 7.81 -1.40
CA PRO A 68 24.11 7.51 -0.40
C PRO A 68 23.04 8.58 -0.20
N GLN A 69 23.26 9.81 -0.72
CA GLN A 69 22.26 10.89 -0.69
C GLN A 69 21.80 11.28 -2.09
N CYS A 70 22.13 10.45 -3.08
CA CYS A 70 21.70 10.68 -4.46
C CYS A 70 20.37 9.94 -4.68
N VAL A 71 19.37 10.65 -5.21
CA VAL A 71 18.10 10.06 -5.64
C VAL A 71 18.03 10.13 -7.17
N VAL A 72 18.14 8.99 -7.84
CA VAL A 72 18.26 8.99 -9.31
C VAL A 72 16.87 8.97 -9.96
N ALA A 73 15.95 8.16 -9.46
CA ALA A 73 14.62 7.97 -10.04
C ALA A 73 14.77 7.69 -11.55
N ASN A 74 14.06 8.44 -12.41
CA ASN A 74 14.15 8.31 -13.86
C ASN A 74 15.12 9.34 -14.47
N GLY A 75 15.88 10.05 -13.62
CA GLY A 75 16.85 11.04 -14.05
C GLY A 75 16.25 12.39 -14.50
N TYR A 76 14.93 12.57 -14.34
CA TYR A 76 14.29 13.87 -14.59
C TYR A 76 14.40 14.68 -13.29
N GLU A 77 15.02 15.87 -13.36
CA GLU A 77 15.20 16.74 -12.19
C GLU A 77 13.88 17.35 -11.76
N LYS A 78 13.53 17.17 -10.48
CA LYS A 78 12.34 17.77 -9.89
C LYS A 78 12.48 17.77 -8.37
N SER A 79 11.62 18.54 -7.72
CA SER A 79 11.46 18.57 -6.28
C SER A 79 10.81 17.27 -5.79
N ILE A 80 11.32 16.75 -4.66
CA ILE A 80 10.81 15.56 -3.98
C ILE A 80 10.79 15.84 -2.48
N ARG A 81 10.21 14.90 -1.74
CA ARG A 81 10.16 14.89 -0.27
C ARG A 81 10.81 13.56 0.14
N THR A 82 11.81 13.61 1.03
CA THR A 82 12.62 12.45 1.34
C THR A 82 12.71 12.27 2.84
N ILE A 83 12.73 10.99 3.25
CA ILE A 83 13.27 10.60 4.56
C ILE A 83 14.76 10.26 4.33
N ASN A 84 15.65 10.97 5.01
CA ASN A 84 17.08 10.68 5.00
C ASN A 84 17.62 10.61 3.56
N ARG A 85 17.14 11.50 2.68
CA ARG A 85 17.68 11.71 1.33
C ARG A 85 17.79 10.39 0.55
N MET A 86 16.71 9.59 0.61
CA MET A 86 16.63 8.37 -0.20
C MET A 86 15.17 8.10 -0.55
N VAL A 87 14.95 7.61 -1.77
CA VAL A 87 13.64 7.18 -2.27
C VAL A 87 13.84 5.84 -2.97
N PRO A 88 13.24 4.75 -2.50
CA PRO A 88 12.48 4.67 -1.26
C PRO A 88 13.30 5.08 -0.04
N GLY A 89 12.58 5.44 1.02
CA GLY A 89 13.19 5.78 2.31
C GLY A 89 13.81 4.56 2.95
N PRO A 90 14.40 4.74 4.14
CA PRO A 90 15.01 3.63 4.85
C PRO A 90 14.02 2.49 5.09
N SER A 91 14.51 1.25 4.90
CA SER A 91 13.74 0.06 5.20
C SER A 91 13.87 -0.28 6.69
N ILE A 92 12.74 -0.59 7.33
CA ILE A 92 12.72 -1.09 8.71
C ILE A 92 12.72 -2.63 8.60
N GLN A 93 13.90 -3.25 8.84
CA GLN A 93 14.10 -4.70 8.69
C GLN A 93 14.33 -5.26 10.09
N VAL A 94 13.36 -6.01 10.62
CA VAL A 94 13.34 -6.43 12.02
C VAL A 94 12.86 -7.87 12.12
N CYS A 95 12.73 -8.35 13.36
CA CYS A 95 12.20 -9.68 13.69
C CYS A 95 10.93 -9.52 14.52
N LEU A 96 9.97 -10.45 14.35
CA LEU A 96 8.74 -10.48 15.14
C LEU A 96 9.05 -10.32 16.63
N GLY A 97 8.40 -9.36 17.27
CA GLY A 97 8.54 -9.02 18.70
C GLY A 97 9.48 -7.87 18.96
N ASP A 98 10.26 -7.43 17.97
CA ASP A 98 11.17 -6.28 18.17
C ASP A 98 10.34 -5.01 18.41
N ARG A 99 10.93 -4.08 19.17
CA ARG A 99 10.34 -2.77 19.43
C ARG A 99 10.91 -1.77 18.41
N ILE A 100 10.00 -1.01 17.77
CA ILE A 100 10.35 -0.01 16.77
C ILE A 100 10.13 1.37 17.39
N ILE A 101 11.19 2.16 17.45
CA ILE A 101 11.15 3.55 17.90
C ILE A 101 11.68 4.43 16.77
N VAL A 102 10.83 5.35 16.26
CA VAL A 102 11.19 6.25 15.17
C VAL A 102 11.09 7.70 15.65
N ASP A 103 12.22 8.41 15.71
CA ASP A 103 12.24 9.86 15.93
C ASP A 103 12.11 10.53 14.56
N LEU A 104 10.93 11.10 14.29
CA LEU A 104 10.64 11.70 13.00
C LEU A 104 10.63 13.23 13.12
N GLN A 105 11.65 13.86 12.49
CA GLN A 105 11.77 15.32 12.44
C GLN A 105 11.13 15.85 11.15
N ASN A 106 10.18 16.76 11.28
CA ASN A 106 9.56 17.44 10.15
C ASN A 106 10.33 18.72 9.80
N LYS A 107 11.07 18.73 8.68
CA LYS A 107 11.84 19.87 8.21
C LYS A 107 11.30 20.35 6.86
N MET A 108 10.04 20.00 6.52
CA MET A 108 9.49 20.38 5.22
C MET A 108 8.75 21.72 5.33
N ALA A 109 9.18 22.71 4.53
CA ALA A 109 8.67 24.08 4.58
C ALA A 109 7.15 24.07 4.39
N GLY A 110 6.38 24.63 5.32
CA GLY A 110 4.95 24.81 5.13
C GLY A 110 4.13 23.52 5.20
N ASN A 111 4.77 22.37 5.46
CA ASN A 111 4.08 21.06 5.42
C ASN A 111 3.91 20.51 6.84
N GLU A 112 2.79 19.82 7.08
CA GLU A 112 2.60 19.01 8.28
C GLU A 112 2.93 17.55 7.89
N LEU A 113 3.20 16.69 8.87
CA LEU A 113 3.65 15.33 8.60
C LEU A 113 3.06 14.30 9.57
N ALA A 114 2.76 13.11 9.04
CA ALA A 114 2.48 11.93 9.86
C ALA A 114 2.83 10.72 8.99
N ILE A 115 3.44 9.69 9.58
CA ILE A 115 3.76 8.46 8.85
C ILE A 115 2.90 7.34 9.44
N HIS A 116 2.26 6.59 8.52
CA HIS A 116 1.43 5.41 8.84
C HIS A 116 2.25 4.13 8.57
N TRP A 117 2.15 3.15 9.51
CA TRP A 117 2.88 1.89 9.43
C TRP A 117 1.86 0.88 8.88
N HIS A 118 1.75 0.86 7.56
CA HIS A 118 0.71 0.13 6.82
C HIS A 118 0.90 -1.39 7.02
N GLY A 119 -0.12 -2.03 7.60
CA GLY A 119 -0.17 -3.46 7.83
C GLY A 119 0.21 -3.82 9.26
N VAL A 120 0.72 -2.84 10.04
CA VAL A 120 1.02 -3.05 11.47
C VAL A 120 -0.25 -2.82 12.26
N PHE A 121 -0.68 -3.81 13.08
CA PHE A 121 -2.02 -3.75 13.67
C PHE A 121 -2.14 -2.69 14.78
N GLN A 122 -1.03 -2.41 15.52
CA GLN A 122 -0.97 -1.35 16.54
C GLN A 122 -1.96 -1.66 17.70
N LYS A 123 -2.19 -2.94 18.02
CA LYS A 123 -3.03 -3.28 19.18
C LYS A 123 -2.30 -2.89 20.46
N GLY A 124 -2.84 -1.95 21.25
CA GLY A 124 -2.21 -1.41 22.45
C GLY A 124 -1.40 -0.15 22.18
N THR A 125 -1.17 0.21 20.91
CA THR A 125 -0.41 1.39 20.52
C THR A 125 -1.18 2.12 19.39
N GLN A 126 -2.53 2.26 19.56
CA GLN A 126 -3.39 2.80 18.51
C GLN A 126 -2.98 4.24 18.17
N TYR A 127 -2.41 4.98 19.14
CA TYR A 127 -1.97 6.35 19.03
C TYR A 127 -0.80 6.51 18.06
N MET A 128 -0.19 5.40 17.62
CA MET A 128 0.97 5.43 16.72
C MET A 128 0.57 5.12 15.27
N ASP A 129 -0.73 4.97 14.98
CA ASP A 129 -1.16 4.53 13.64
C ASP A 129 -0.76 5.53 12.54
N GLY A 130 -0.63 6.83 12.88
CA GLY A 130 -0.10 7.83 11.94
C GLY A 130 -1.14 8.48 11.02
N VAL A 131 -2.43 8.55 11.43
CA VAL A 131 -3.48 9.16 10.62
C VAL A 131 -3.87 10.53 11.20
N PRO A 132 -3.55 11.61 10.46
CA PRO A 132 -3.96 12.97 10.83
C PRO A 132 -5.46 13.07 11.10
N MET A 133 -5.82 13.69 12.23
CA MET A 133 -7.22 13.91 12.65
C MET A 133 -7.97 12.57 12.83
N LEU A 134 -7.25 11.48 13.15
CA LEU A 134 -7.91 10.23 13.53
C LEU A 134 -7.22 9.63 14.75
N THR A 135 -5.91 9.34 14.65
CA THR A 135 -5.13 8.77 15.73
C THR A 135 -4.15 9.78 16.31
N GLN A 136 -3.81 10.86 15.60
CA GLN A 136 -2.92 11.91 16.10
C GLN A 136 -3.22 13.27 15.45
N CYS A 137 -2.60 14.31 16.01
CA CYS A 137 -2.40 15.60 15.35
C CYS A 137 -1.13 15.46 14.51
N SER A 138 -1.17 15.92 13.26
CA SER A 138 -0.01 16.01 12.40
C SER A 138 1.13 16.75 13.12
N ILE A 139 2.37 16.43 12.69
CA ILE A 139 3.60 17.03 13.20
C ILE A 139 3.83 18.33 12.45
N LEU A 140 3.95 19.44 13.19
CA LEU A 140 4.22 20.73 12.59
C LEU A 140 5.70 20.81 12.16
N GLU A 141 5.97 21.65 11.18
CA GLU A 141 7.33 21.89 10.73
C GLU A 141 8.12 22.46 11.92
N GLY A 142 9.29 21.90 12.20
CA GLY A 142 10.15 22.31 13.31
C GLY A 142 9.99 21.42 14.53
N ASP A 143 9.03 20.48 14.51
CA ASP A 143 8.84 19.54 15.62
C ASP A 143 9.29 18.13 15.25
N VAL A 144 9.52 17.32 16.28
CA VAL A 144 9.89 15.91 16.23
C VAL A 144 8.81 15.11 16.96
N PHE A 145 8.45 13.95 16.40
CA PHE A 145 7.48 13.03 17.01
C PHE A 145 8.12 11.64 17.08
N ARG A 146 8.05 11.02 18.25
CA ARG A 146 8.60 9.71 18.53
C ARG A 146 7.49 8.67 18.46
N TYR A 147 7.51 7.87 17.38
CA TYR A 147 6.67 6.68 17.24
C TYR A 147 7.35 5.53 18.02
N ASP A 148 6.55 4.81 18.82
CA ASP A 148 7.03 3.71 19.67
C ASP A 148 5.98 2.63 19.69
N PHE A 149 6.25 1.50 19.03
CA PHE A 149 5.32 0.38 18.93
C PHE A 149 6.11 -0.93 18.77
N PHE A 150 5.42 -2.07 18.88
CA PHE A 150 6.02 -3.39 18.70
C PHE A 150 5.64 -3.96 17.33
N ALA A 151 6.60 -4.68 16.71
CA ALA A 151 6.40 -5.46 15.50
C ALA A 151 5.78 -6.79 15.92
N ASN A 152 4.50 -6.76 16.33
CA ASN A 152 3.83 -7.93 16.88
C ASN A 152 3.04 -8.68 15.81
N ASN A 153 3.18 -8.33 14.53
CA ASN A 153 2.55 -9.14 13.47
C ASN A 153 3.53 -9.31 12.32
N GLU A 154 3.63 -10.54 11.78
CA GLU A 154 4.68 -10.89 10.83
C GLU A 154 4.39 -10.33 9.42
N GLY A 155 5.47 -10.23 8.62
CA GLY A 155 5.34 -10.16 7.17
C GLY A 155 5.89 -8.89 6.53
N THR A 156 5.73 -8.81 5.22
CA THR A 156 6.09 -7.64 4.42
C THR A 156 5.03 -6.57 4.65
N LEU A 157 5.36 -5.57 5.46
CA LEU A 157 4.53 -4.42 5.76
C LEU A 157 5.17 -3.21 5.08
N TYR A 158 4.70 -2.00 5.38
CA TYR A 158 4.91 -0.85 4.50
C TYR A 158 4.79 0.43 5.34
N TRP A 159 5.50 1.50 4.97
CA TRP A 159 5.32 2.79 5.64
C TRP A 159 5.25 3.91 4.61
N HIS A 160 4.43 4.94 4.92
CA HIS A 160 4.34 6.11 4.04
C HIS A 160 3.75 7.28 4.78
N SER A 161 3.98 8.49 4.27
CA SER A 161 3.26 9.65 4.74
C SER A 161 1.77 9.39 4.55
N HIS A 162 0.98 9.68 5.58
CA HIS A 162 -0.49 9.65 5.51
C HIS A 162 -1.04 11.08 5.54
N ASP A 163 -0.22 12.07 5.10
CA ASP A 163 -0.53 13.50 5.22
C ASP A 163 -0.49 14.10 3.82
N GLY A 164 -1.68 14.34 3.24
CA GLY A 164 -1.78 14.90 1.89
C GLY A 164 -1.15 13.94 0.87
N LEU A 165 -0.40 14.50 -0.09
CA LEU A 165 0.05 13.80 -1.30
C LEU A 165 1.53 13.46 -1.23
N GLN A 166 2.13 13.57 -0.04
CA GLN A 166 3.58 13.49 0.16
C GLN A 166 4.16 12.10 -0.22
N LEU A 168 3.71 10.29 -2.89
CA LEU A 168 4.10 10.22 -4.30
C LEU A 168 5.29 11.16 -4.57
N ASP A 169 5.57 12.09 -3.63
CA ASP A 169 6.79 12.92 -3.70
C ASP A 169 8.03 12.19 -3.13
N GLY A 170 7.83 11.02 -2.48
CA GLY A 170 8.92 10.15 -2.07
C GLY A 170 8.91 9.68 -0.61
N ILE A 171 7.90 10.05 0.21
CA ILE A 171 7.87 9.63 1.61
CA ILE A 171 7.85 9.64 1.61
C ILE A 171 7.21 8.24 1.73
N GLN A 172 7.98 7.20 1.45
CA GLN A 172 7.52 5.81 1.58
C GLN A 172 8.72 4.87 1.64
N GLY A 173 8.51 3.71 2.28
CA GLY A 173 9.51 2.66 2.32
C GLY A 173 8.92 1.35 2.85
N SER A 174 9.75 0.33 3.02
CA SER A 174 9.30 -0.99 3.44
C SER A 174 9.48 -1.21 4.93
N ILE A 175 8.66 -2.11 5.48
CA ILE A 175 8.85 -2.72 6.80
C ILE A 175 8.85 -4.23 6.56
N VAL A 176 9.89 -4.94 7.04
CA VAL A 176 9.90 -6.41 7.00
C VAL A 176 9.99 -6.94 8.41
N VAL A 177 8.95 -7.66 8.85
CA VAL A 177 8.93 -8.30 10.17
C VAL A 177 9.16 -9.80 9.91
N ARG A 178 10.43 -10.19 9.93
CA ARG A 178 10.83 -11.57 9.67
C ARG A 178 10.51 -12.45 10.87
N LYS A 179 10.23 -13.72 10.60
CA LYS A 179 10.24 -14.78 11.61
C LYS A 179 11.54 -15.57 11.48
N PRO A 180 11.94 -16.29 12.54
CA PRO A 180 12.96 -17.35 12.38
C PRO A 180 12.53 -18.25 11.21
N LYS A 181 13.46 -18.58 10.33
CA LYS A 181 13.18 -19.43 9.17
C LYS A 181 12.52 -20.74 9.60
N SER A 182 12.93 -21.30 10.77
CA SER A 182 12.41 -22.57 11.28
C SER A 182 10.98 -22.45 11.80
N THR A 183 10.44 -21.23 12.07
CA THR A 183 9.06 -21.08 12.55
C THR A 183 8.16 -20.35 11.53
N ASP A 184 8.71 -19.78 10.47
CA ASP A 184 7.91 -19.25 9.36
C ASP A 184 7.14 -20.41 8.72
N LEU A 185 5.82 -20.31 8.55
CA LEU A 185 5.03 -21.41 8.01
C LEU A 185 5.50 -21.83 6.63
N ASN A 186 6.11 -20.92 5.85
CA ASN A 186 6.66 -21.22 4.53
C ASN A 186 8.19 -21.16 4.49
N GLY A 187 8.87 -21.28 5.66
CA GLY A 187 10.33 -21.25 5.73
C GLY A 187 11.03 -22.31 4.87
N ASP A 188 10.35 -23.45 4.63
CA ASP A 188 10.88 -24.51 3.76
CA ASP A 188 10.89 -24.51 3.76
C ASP A 188 10.88 -24.27 2.22
N THR A 189 10.22 -23.14 1.85
CA THR A 189 10.04 -22.87 0.43
C THR A 189 11.22 -22.08 -0.16
N TYR A 190 12.15 -21.61 0.66
CA TYR A 190 13.26 -20.79 0.17
C TYR A 190 14.53 -21.08 1.01
N ASP A 191 15.68 -20.62 0.49
CA ASP A 191 17.00 -20.72 1.13
C ASP A 191 17.45 -19.36 1.69
N LEU A 192 17.12 -18.26 1.01
CA LEU A 192 17.53 -16.91 1.39
C LEU A 192 16.32 -15.95 1.34
N ASP A 193 16.31 -15.00 2.26
CA ASP A 193 15.29 -13.94 2.42
C ASP A 193 16.01 -12.66 2.86
N VAL A 194 16.67 -12.00 1.89
CA VAL A 194 17.66 -10.97 2.20
C VAL A 194 17.06 -9.58 1.94
N PRO A 195 17.50 -8.56 2.70
CA PRO A 195 17.00 -7.18 2.52
C PRO A 195 17.01 -6.65 1.10
N ASP A 196 18.05 -6.98 0.29
CA ASP A 196 18.17 -6.43 -1.06
C ASP A 196 17.06 -7.02 -1.97
N HIS A 197 16.29 -8.01 -1.47
CA HIS A 197 15.16 -8.65 -2.17
C HIS A 197 13.81 -8.19 -1.62
N THR A 198 13.83 -7.20 -0.69
CA THR A 198 12.64 -6.41 -0.34
C THR A 198 12.58 -5.27 -1.35
N LEU A 199 11.68 -5.38 -2.34
CA LEU A 199 11.69 -4.53 -3.52
C LEU A 199 10.36 -3.74 -3.61
N LEU A 200 10.42 -2.41 -3.50
CA LEU A 200 9.24 -1.56 -3.78
C LEU A 200 9.15 -1.32 -5.28
N ILE A 201 7.94 -1.53 -5.82
CA ILE A 201 7.62 -1.05 -7.16
C ILE A 201 6.94 0.32 -6.99
N LEU A 202 7.60 1.37 -7.49
N LEU A 202 7.59 1.39 -7.46
CA LEU A 202 7.11 2.75 -7.38
CA LEU A 202 7.09 2.75 -7.33
C LEU A 202 6.50 3.17 -8.70
C LEU A 202 6.54 3.22 -8.67
N ASP A 203 5.44 3.99 -8.65
CA ASP A 203 5.09 4.77 -9.83
C ASP A 203 5.72 6.15 -9.68
N TRP A 204 5.87 6.86 -10.81
CA TRP A 204 6.66 8.08 -10.80
C TRP A 204 6.06 9.07 -11.79
N ILE A 205 6.03 10.35 -11.38
CA ILE A 205 5.59 11.49 -12.19
C ILE A 205 6.74 12.49 -12.25
N ASN A 206 6.81 13.24 -13.35
CA ASN A 206 7.85 14.26 -13.56
C ASN A 206 7.44 15.64 -12.99
N THR A 207 6.23 15.77 -12.41
CA THR A 207 5.80 16.93 -11.63
C THR A 207 5.81 16.53 -10.16
N THR A 208 5.63 17.47 -9.23
CA THR A 208 5.33 17.14 -7.85
C THR A 208 3.89 16.57 -7.85
N ALA A 209 3.51 15.91 -6.75
CA ALA A 209 2.18 15.33 -6.60
C ALA A 209 1.15 16.46 -6.57
N GLY A 210 1.49 17.55 -5.87
CA GLY A 210 0.63 18.74 -5.67
C GLY A 210 0.29 19.42 -7.00
N SER A 211 1.18 19.34 -8.02
CA SER A 211 0.88 19.89 -9.34
C SER A 211 -0.35 19.24 -9.97
N ARG A 212 -0.74 18.03 -9.52
CA ARG A 212 -1.77 17.21 -10.17
C ARG A 212 -3.08 17.24 -9.38
N PHE A 213 -3.14 18.07 -8.33
CA PHE A 213 -4.35 18.23 -7.53
C PHE A 213 -4.66 19.73 -7.35
N PRO A 214 -5.83 20.25 -7.76
CA PRO A 214 -6.88 19.50 -8.44
C PRO A 214 -6.57 18.86 -9.81
N GLY A 215 -5.49 19.32 -10.47
CA GLY A 215 -5.14 18.85 -11.80
C GLY A 215 -5.41 19.91 -12.87
N LEU A 216 -4.73 19.82 -14.03
CA LEU A 216 -4.63 20.90 -15.00
C LEU A 216 -5.46 20.51 -16.25
N LEU A 217 -6.68 21.06 -16.31
CA LEU A 217 -7.74 20.72 -17.26
C LEU A 217 -7.20 20.51 -18.68
N GLN A 218 -6.47 21.50 -19.25
N GLN A 218 -6.48 21.51 -19.25
CA GLN A 218 -6.10 21.43 -20.67
CA GLN A 218 -6.10 21.48 -20.67
C GLN A 218 -4.76 20.71 -20.87
C GLN A 218 -4.77 20.74 -20.88
N ARG A 219 -3.66 21.23 -20.30
CA ARG A 219 -2.32 20.74 -20.69
C ARG A 219 -1.93 19.41 -20.01
N LEU A 220 -2.54 19.04 -18.88
CA LEU A 220 -2.11 17.84 -18.17
C LEU A 220 -3.20 17.38 -17.20
N PRO A 221 -4.37 16.96 -17.71
CA PRO A 221 -5.42 16.48 -16.84
C PRO A 221 -5.00 15.12 -16.22
N GLY A 222 -5.49 14.84 -15.03
CA GLY A 222 -5.34 13.54 -14.42
C GLY A 222 -4.01 13.37 -13.67
N GLN A 223 -3.84 12.15 -13.16
CA GLN A 223 -2.79 11.79 -12.20
C GLN A 223 -2.14 10.48 -12.66
N GLU A 224 -1.84 10.36 -13.95
CA GLU A 224 -1.21 9.19 -14.55
C GLU A 224 0.30 9.21 -14.31
N PRO A 225 0.93 8.03 -14.06
CA PRO A 225 2.39 7.95 -13.99
C PRO A 225 2.98 8.01 -15.39
N ILE A 226 4.26 8.39 -15.48
CA ILE A 226 5.02 8.38 -16.72
C ILE A 226 5.92 7.13 -16.78
N THR A 227 6.28 6.54 -15.63
CA THR A 227 7.16 5.38 -15.54
C THR A 227 6.95 4.69 -14.19
N PHE A 228 7.59 3.55 -13.99
CA PHE A 228 7.75 2.93 -12.68
C PHE A 228 9.25 2.89 -12.37
N LEU A 229 9.57 2.79 -11.08
CA LEU A 229 10.91 2.50 -10.59
C LEU A 229 10.87 1.14 -9.89
N LEU A 230 11.95 0.35 -9.97
CA LEU A 230 12.14 -0.75 -9.03
C LEU A 230 13.16 -0.24 -8.00
N GLU A 231 12.76 -0.18 -6.74
CA GLU A 231 13.51 0.61 -5.75
C GLU A 231 13.68 2.02 -6.28
N ASP A 232 14.91 2.49 -6.49
CA ASP A 232 15.21 3.90 -6.68
C ASP A 232 15.34 4.27 -8.14
N ARG A 233 15.15 3.34 -9.10
CA ARG A 233 15.60 3.68 -10.46
C ARG A 233 14.82 2.99 -11.56
N GLY A 234 14.84 3.67 -12.72
CA GLY A 234 14.39 3.09 -13.98
C GLY A 234 14.27 4.20 -15.01
N PRO A 235 14.66 3.96 -16.26
CA PRO A 235 14.55 4.99 -17.29
C PRO A 235 13.16 5.08 -17.89
N THR A 236 12.84 6.27 -18.41
CA THR A 236 11.55 6.52 -19.04
C THR A 236 11.62 6.00 -20.47
N MET A 237 10.70 5.06 -20.80
CA MET A 237 10.59 4.42 -22.11
C MET A 237 9.21 4.62 -22.71
N LEU A 238 9.20 4.78 -24.06
CA LEU A 238 7.99 4.55 -24.88
C LEU A 238 7.62 3.06 -24.89
N SER A 239 6.40 2.72 -25.34
CA SER A 239 5.95 1.34 -25.51
C SER A 239 6.98 0.47 -26.24
N SER A 240 7.68 1.05 -27.22
CA SER A 240 8.66 0.32 -28.04
C SER A 240 9.90 -0.07 -27.23
N GLY A 241 10.14 0.58 -26.09
CA GLY A 241 11.39 0.45 -25.32
C GLY A 241 12.39 1.57 -25.63
N GLN A 242 12.07 2.43 -26.61
CA GLN A 242 12.89 3.61 -26.93
C GLN A 242 12.94 4.54 -25.70
N LEU A 243 14.14 4.96 -25.32
CA LEU A 243 14.38 5.87 -24.20
C LEU A 243 13.91 7.28 -24.57
N ILE A 244 13.17 7.95 -23.68
CA ILE A 244 12.80 9.35 -23.82
C ILE A 244 13.26 10.13 -22.59
N GLY A 245 14.26 9.59 -21.90
CA GLY A 245 14.87 10.23 -20.73
C GLY A 245 16.34 9.86 -20.66
N PRO A 246 17.06 10.35 -19.64
CA PRO A 246 18.46 9.96 -19.43
C PRO A 246 18.59 8.45 -19.26
N PRO A 247 19.73 7.85 -19.66
CA PRO A 247 19.93 6.40 -19.58
C PRO A 247 20.27 5.96 -18.15
N VAL A 248 19.30 6.12 -17.26
CA VAL A 248 19.38 5.62 -15.89
C VAL A 248 19.52 4.11 -16.00
N PRO A 249 20.45 3.48 -15.27
CA PRO A 249 20.61 2.03 -15.35
C PRO A 249 19.40 1.31 -14.75
N TYR A 250 18.98 0.20 -15.39
CA TYR A 250 17.97 -0.69 -14.81
C TYR A 250 18.42 -1.20 -13.45
N LYS A 251 17.48 -1.36 -12.52
CA LYS A 251 17.73 -2.01 -11.23
C LYS A 251 18.21 -3.46 -11.48
N GLU A 252 19.21 -3.90 -10.74
CA GLU A 252 19.73 -5.28 -10.78
C GLU A 252 19.28 -6.02 -9.54
N VAL A 253 18.77 -7.25 -9.74
CA VAL A 253 18.39 -8.14 -8.66
C VAL A 253 19.29 -9.39 -8.75
N TRP A 254 20.11 -9.65 -7.73
CA TRP A 254 21.15 -10.68 -7.77
C TRP A 254 20.66 -11.98 -7.16
N VAL A 255 20.83 -13.09 -7.87
CA VAL A 255 20.58 -14.45 -7.36
C VAL A 255 21.85 -15.31 -7.58
N GLU A 256 21.80 -16.55 -7.07
CA GLU A 256 22.89 -17.52 -7.18
C GLU A 256 22.28 -18.82 -7.68
N SER A 257 22.91 -19.44 -8.68
CA SER A 257 22.47 -20.73 -9.24
C SER A 257 22.22 -21.79 -8.16
N GLY A 258 21.09 -22.47 -8.23
CA GLY A 258 20.74 -23.58 -7.34
C GLY A 258 20.12 -23.16 -6.01
N LYS A 259 19.80 -21.87 -5.78
CA LYS A 259 19.22 -21.42 -4.51
CA LYS A 259 19.22 -21.42 -4.51
C LYS A 259 17.87 -20.77 -4.79
N ARG A 260 16.97 -20.81 -3.78
CA ARG A 260 15.64 -20.25 -3.82
C ARG A 260 15.66 -18.97 -2.98
N PHE A 261 15.12 -17.88 -3.56
CA PHE A 261 15.10 -16.54 -2.94
C PHE A 261 13.67 -16.06 -2.69
N ARG A 262 13.38 -15.63 -1.47
CA ARG A 262 12.15 -14.94 -1.13
C ARG A 262 12.27 -13.47 -1.57
N LEU A 263 11.48 -13.09 -2.57
CA LEU A 263 11.29 -11.70 -3.01
C LEU A 263 10.03 -11.15 -2.35
N ARG A 264 10.20 -10.04 -1.63
CA ARG A 264 9.12 -9.36 -0.91
C ARG A 264 8.80 -8.13 -1.73
N LEU A 265 7.70 -8.21 -2.52
CA LEU A 265 7.40 -7.17 -3.51
C LEU A 265 6.26 -6.27 -3.02
N LEU A 266 6.50 -4.93 -3.03
CA LEU A 266 5.55 -3.97 -2.46
C LEU A 266 4.94 -3.09 -3.56
N GLY A 267 3.64 -2.87 -3.46
CA GLY A 267 2.89 -1.97 -4.33
C GLY A 267 3.04 -0.54 -3.82
N GLY A 268 4.22 0.06 -4.10
CA GLY A 268 4.52 1.45 -3.73
C GLY A 268 3.97 2.40 -4.78
N LEU A 269 2.86 2.03 -5.37
CA LEU A 269 2.15 2.75 -6.41
C LEU A 269 1.16 3.67 -5.71
N CYS A 270 1.16 4.95 -6.07
CA CYS A 270 0.20 5.88 -5.51
C CYS A 270 -0.90 6.28 -6.50
N THR A 271 -0.64 6.09 -7.81
CA THR A 271 -1.59 6.39 -8.89
C THR A 271 -2.59 5.21 -9.01
N VAL A 272 -3.59 5.38 -9.87
CA VAL A 272 -4.62 4.37 -10.19
C VAL A 272 -4.08 3.21 -11.05
N THR A 273 -2.79 3.14 -11.31
CA THR A 273 -2.19 2.20 -12.25
C THR A 273 -1.73 0.93 -11.54
N GLY A 274 -2.24 -0.23 -12.02
CA GLY A 274 -1.75 -1.52 -11.59
C GLY A 274 -0.45 -1.92 -12.31
N VAL A 275 0.20 -2.96 -11.78
CA VAL A 275 1.39 -3.51 -12.42
C VAL A 275 1.26 -5.02 -12.50
N GLU A 276 1.51 -5.58 -13.69
CA GLU A 276 1.62 -7.01 -13.86
C GLU A 276 3.11 -7.33 -13.89
N PHE A 277 3.56 -8.09 -12.87
CA PHE A 277 4.97 -8.40 -12.66
C PHE A 277 5.26 -9.80 -13.22
N SER A 278 6.31 -9.92 -14.04
CA SER A 278 6.75 -11.23 -14.58
C SER A 278 8.27 -11.24 -14.75
N ILE A 279 8.86 -12.45 -14.71
CA ILE A 279 10.31 -12.63 -14.90
C ILE A 279 10.52 -13.65 -16.03
N GLU A 280 11.32 -13.27 -17.02
CA GLU A 280 11.71 -14.15 -18.13
C GLU A 280 12.25 -15.49 -17.59
N ASP A 281 11.62 -16.60 -18.00
CA ASP A 281 12.01 -17.99 -17.74
C ASP A 281 11.94 -18.40 -16.27
N HIS A 282 11.39 -17.57 -15.35
CA HIS A 282 11.33 -17.90 -13.94
C HIS A 282 9.89 -17.81 -13.43
N ASP A 283 9.32 -18.94 -13.04
CA ASP A 283 8.02 -19.01 -12.38
C ASP A 283 8.10 -18.41 -10.98
N LEU A 284 6.95 -18.01 -10.43
CA LEU A 284 6.91 -17.31 -9.13
C LEU A 284 6.08 -18.19 -8.20
N THR A 285 6.66 -18.62 -7.07
CA THR A 285 5.94 -19.36 -6.05
C THR A 285 5.48 -18.37 -4.99
N VAL A 286 4.16 -18.07 -4.98
CA VAL A 286 3.59 -17.08 -4.08
C VAL A 286 3.39 -17.67 -2.71
N ILE A 287 3.95 -17.06 -1.64
CA ILE A 287 3.90 -17.65 -0.29
C ILE A 287 3.26 -16.73 0.76
N ALA A 288 3.01 -15.45 0.46
CA ALA A 288 2.33 -14.56 1.39
C ALA A 288 1.65 -13.39 0.65
N THR A 289 0.51 -12.98 1.20
CA THR A 289 -0.35 -11.89 0.71
C THR A 289 -0.44 -10.83 1.81
N ASP A 290 0.10 -9.62 1.59
CA ASP A 290 0.04 -8.55 2.57
C ASP A 290 0.56 -9.05 3.92
N GLY A 291 1.66 -9.84 3.89
CA GLY A 291 2.31 -10.36 5.09
C GLY A 291 1.73 -11.68 5.62
N GLY A 292 0.56 -12.10 5.13
CA GLY A 292 -0.12 -13.29 5.66
C GLY A 292 0.28 -14.53 4.86
N PRO A 293 0.91 -15.55 5.50
CA PRO A 293 1.32 -16.74 4.78
C PRO A 293 0.15 -17.47 4.14
N ILE A 294 0.36 -17.98 2.93
CA ILE A 294 -0.63 -18.80 2.22
C ILE A 294 -0.03 -20.18 1.90
N LYS A 295 -0.89 -21.15 1.62
N LYS A 295 -0.89 -21.15 1.62
CA LYS A 295 -0.48 -22.37 0.93
CA LYS A 295 -0.49 -22.37 0.91
C LYS A 295 0.15 -21.96 -0.41
C LYS A 295 0.14 -21.95 -0.41
N PRO A 296 1.42 -22.31 -0.68
CA PRO A 296 2.09 -21.84 -1.89
C PRO A 296 1.33 -22.15 -3.17
N VAL A 297 1.34 -21.19 -4.11
CA VAL A 297 0.78 -21.33 -5.46
CA VAL A 297 0.79 -21.36 -5.45
C VAL A 297 1.83 -20.86 -6.44
N THR A 298 2.06 -21.62 -7.51
CA THR A 298 3.02 -21.24 -8.55
C THR A 298 2.29 -20.59 -9.70
N VAL A 299 2.74 -19.39 -10.14
CA VAL A 299 2.14 -18.61 -11.20
C VAL A 299 3.26 -18.11 -12.12
N THR A 300 2.94 -17.56 -13.28
CA THR A 300 3.90 -16.94 -14.19
C THR A 300 3.90 -15.43 -14.05
N SER A 301 2.84 -14.86 -13.46
CA SER A 301 2.78 -13.40 -13.23
C SER A 301 1.81 -13.11 -12.11
N PHE A 302 1.93 -11.92 -11.51
CA PHE A 302 0.86 -11.43 -10.62
C PHE A 302 0.64 -9.94 -10.90
N VAL A 303 -0.55 -9.49 -10.51
CA VAL A 303 -1.00 -8.11 -10.64
C VAL A 303 -0.97 -7.53 -9.23
N ILE A 304 -0.43 -6.32 -9.12
CA ILE A 304 -0.31 -5.65 -7.83
C ILE A 304 -0.78 -4.19 -7.99
N TYR A 305 -1.45 -3.69 -6.95
CA TYR A 305 -1.93 -2.33 -6.87
C TYR A 305 -1.42 -1.69 -5.58
N SER A 306 -1.54 -0.36 -5.54
CA SER A 306 -1.33 0.53 -4.40
C SER A 306 -1.66 -0.14 -3.07
N GLY A 307 -0.66 -0.35 -2.23
CA GLY A 307 -0.80 -0.80 -0.83
C GLY A 307 -0.68 -2.33 -0.66
N GLU A 308 -0.84 -3.12 -1.74
CA GLU A 308 -0.68 -4.57 -1.65
C GLU A 308 0.79 -4.96 -1.53
N ARG A 309 1.05 -6.16 -0.95
CA ARG A 309 2.36 -6.80 -0.97
C ARG A 309 2.16 -8.27 -1.35
N TYR A 310 3.09 -8.79 -2.18
CA TYR A 310 3.15 -10.20 -2.53
C TYR A 310 4.59 -10.69 -2.31
N ASP A 311 4.72 -11.78 -1.55
CA ASP A 311 6.01 -12.49 -1.40
C ASP A 311 6.02 -13.67 -2.37
N VAL A 312 7.02 -13.72 -3.23
CA VAL A 312 7.18 -14.80 -4.18
C VAL A 312 8.59 -15.41 -4.04
N VAL A 313 8.68 -16.72 -4.26
CA VAL A 313 10.00 -17.38 -4.30
C VAL A 313 10.42 -17.55 -5.75
N VAL A 314 11.64 -17.07 -6.04
CA VAL A 314 12.34 -17.31 -7.30
C VAL A 314 13.36 -18.42 -7.09
N ASN A 315 13.20 -19.50 -7.85
CA ASN A 315 14.16 -20.61 -7.88
C ASN A 315 15.18 -20.34 -8.98
N ALA A 316 16.44 -20.05 -8.60
CA ALA A 316 17.48 -19.68 -9.57
C ALA A 316 18.01 -20.95 -10.25
N ASN A 317 17.16 -21.60 -11.05
CA ASN A 317 17.45 -22.94 -11.61
C ASN A 317 17.56 -22.90 -13.14
N GLN A 318 17.73 -21.71 -13.74
CA GLN A 318 17.84 -21.57 -15.19
C GLN A 318 19.31 -21.44 -15.58
N ASN A 319 19.61 -21.47 -16.89
CA ASN A 319 20.97 -21.27 -17.38
CA ASN A 319 20.96 -21.26 -17.40
C ASN A 319 21.50 -19.96 -16.81
N PRO A 320 22.60 -19.95 -16.02
CA PRO A 320 23.02 -18.69 -15.40
C PRO A 320 23.31 -17.60 -16.42
N GLY A 321 22.80 -16.39 -16.13
CA GLY A 321 22.99 -15.22 -16.98
C GLY A 321 22.11 -14.07 -16.50
N THR A 322 21.70 -13.24 -17.45
CA THR A 322 20.85 -12.06 -17.20
C THR A 322 19.47 -12.32 -17.77
N TYR A 323 18.43 -12.16 -16.92
CA TYR A 323 17.03 -12.35 -17.33
C TYR A 323 16.25 -11.04 -17.11
N TRP A 324 15.24 -10.78 -17.97
CA TRP A 324 14.46 -9.54 -17.85
C TRP A 324 13.37 -9.73 -16.80
N ILE A 325 13.22 -8.71 -15.93
CA ILE A 325 12.06 -8.53 -15.04
C ILE A 325 11.20 -7.44 -15.70
N HIS A 326 9.88 -7.71 -15.85
CA HIS A 326 8.95 -6.87 -16.62
C HIS A 326 7.81 -6.44 -15.68
N MET A 327 7.58 -5.13 -15.63
CA MET A 327 6.54 -4.47 -14.81
C MET A 327 5.63 -3.73 -15.80
N LYS A 328 4.54 -4.40 -16.20
CA LYS A 328 3.61 -3.87 -17.18
C LYS A 328 2.52 -3.02 -16.49
N GLY A 329 2.39 -1.76 -16.90
CA GLY A 329 1.36 -0.89 -16.37
C GLY A 329 -0.02 -1.32 -16.90
N LEU A 330 -0.99 -1.38 -15.98
CA LEU A 330 -2.38 -1.71 -16.28
C LEU A 330 -3.23 -0.47 -15.97
N GLY A 331 -3.73 0.14 -17.02
CA GLY A 331 -4.58 1.33 -16.92
C GLY A 331 -4.82 1.87 -18.33
N VAL A 332 -5.45 3.05 -18.40
CA VAL A 332 -5.68 3.76 -19.65
C VAL A 332 -4.57 4.80 -19.80
N PHE A 333 -3.80 4.68 -20.88
CA PHE A 333 -2.62 5.52 -21.10
C PHE A 333 -2.93 6.52 -22.24
N PRO A 334 -2.12 7.56 -22.43
CA PRO A 334 -2.41 8.60 -23.43
C PRO A 334 -2.62 8.01 -24.80
N SER A 335 -1.83 6.99 -25.18
CA SER A 335 -1.80 6.42 -26.53
C SER A 335 -1.14 5.05 -26.52
N PRO A 336 -1.40 4.17 -27.52
CA PRO A 336 -0.72 2.88 -27.62
C PRO A 336 0.80 2.95 -27.61
N ASP A 337 1.38 4.04 -28.13
CA ASP A 337 2.83 4.22 -28.22
C ASP A 337 3.42 4.71 -26.87
N GLU A 338 2.55 5.16 -25.95
CA GLU A 338 2.92 5.79 -24.68
C GLU A 338 2.32 5.01 -23.50
N GLU A 339 2.35 3.69 -23.59
CA GLU A 339 1.89 2.81 -22.51
C GLU A 339 3.06 2.65 -21.50
N VAL A 340 2.72 2.58 -20.22
CA VAL A 340 3.69 2.77 -19.13
C VAL A 340 4.17 1.39 -18.69
N TYR A 341 5.50 1.22 -18.62
CA TYR A 341 6.08 0.00 -18.06
C TYR A 341 7.52 0.28 -17.65
N GLN A 342 8.11 -0.71 -16.95
CA GLN A 342 9.50 -0.64 -16.53
C GLN A 342 10.12 -2.05 -16.62
N LEU A 343 11.45 -2.06 -16.68
CA LEU A 343 12.23 -3.28 -16.70
C LEU A 343 13.21 -3.26 -15.51
N ALA A 344 13.68 -4.47 -15.16
CA ALA A 344 14.83 -4.65 -14.26
C ALA A 344 15.57 -5.92 -14.71
N LEU A 345 16.73 -6.19 -14.11
CA LEU A 345 17.62 -7.27 -14.58
C LEU A 345 17.84 -8.26 -13.43
N LEU A 346 17.40 -9.53 -13.62
CA LEU A 346 17.71 -10.64 -12.70
C LEU A 346 19.07 -11.22 -13.11
N ARG A 347 20.11 -11.04 -12.28
CA ARG A 347 21.47 -11.43 -12.65
C ARG A 347 21.96 -12.56 -11.74
N TYR A 348 22.51 -13.62 -12.35
CA TYR A 348 23.13 -14.75 -11.65
C TYR A 348 24.58 -14.40 -11.29
N SER A 349 24.91 -14.58 -10.02
CA SER A 349 26.31 -14.53 -9.54
C SER A 349 27.21 -15.30 -10.52
N GLY A 350 28.37 -14.73 -10.85
CA GLY A 350 29.40 -15.34 -11.68
C GLY A 350 29.24 -15.02 -13.17
N THR A 351 28.20 -14.25 -13.54
CA THR A 351 27.87 -13.99 -14.95
C THR A 351 27.92 -12.49 -15.22
N ASN A 352 28.18 -12.13 -16.49
CA ASN A 352 28.19 -10.73 -16.92
CA ASN A 352 28.26 -10.75 -16.96
C ASN A 352 27.60 -10.67 -18.34
N GLU A 353 26.39 -11.20 -18.50
CA GLU A 353 25.71 -11.27 -19.79
C GLU A 353 25.00 -9.93 -20.03
N GLU A 354 25.33 -9.29 -21.17
CA GLU A 354 24.65 -8.07 -21.63
C GLU A 354 23.51 -8.53 -22.56
N ARG A 355 22.27 -8.07 -22.31
CA ARG A 355 21.16 -8.40 -23.20
C ARG A 355 21.08 -7.24 -24.20
N ASN A 356 20.91 -7.54 -25.49
CA ASN A 356 20.95 -6.49 -26.53
C ASN A 356 19.55 -5.86 -26.72
N GLU A 357 18.54 -6.70 -26.91
CA GLU A 357 17.18 -6.29 -27.30
C GLU A 357 16.35 -5.93 -26.05
N VAL A 358 15.90 -4.68 -25.92
CA VAL A 358 15.06 -4.24 -24.80
C VAL A 358 13.63 -4.70 -25.07
N PRO A 359 13.00 -5.49 -24.17
CA PRO A 359 11.60 -5.86 -24.32
C PRO A 359 10.68 -4.64 -24.39
N SER A 360 9.58 -4.75 -25.14
N SER A 360 9.57 -4.78 -25.15
CA SER A 360 8.61 -3.68 -25.26
CA SER A 360 8.54 -3.78 -25.33
C SER A 360 7.53 -3.85 -24.17
C SER A 360 7.53 -3.87 -24.18
N TYR A 361 6.60 -2.90 -24.12
CA TYR A 361 5.45 -2.92 -23.21
C TYR A 361 4.73 -4.27 -23.29
N ASN A 362 4.51 -4.78 -24.53
CA ASN A 362 3.76 -6.01 -24.74
CA ASN A 362 3.78 -6.01 -24.79
C ASN A 362 4.69 -7.25 -24.72
N GLY A 363 5.96 -7.09 -24.34
CA GLY A 363 6.97 -8.15 -24.34
C GLY A 363 7.26 -8.79 -22.97
N GLY A 364 6.28 -8.82 -22.07
CA GLY A 364 6.36 -9.47 -20.77
C GLY A 364 6.39 -11.00 -20.85
N PHE A 365 6.43 -11.66 -19.69
CA PHE A 365 6.79 -13.08 -19.58
C PHE A 365 5.69 -13.86 -18.86
N ALA A 366 4.43 -13.43 -18.99
CA ALA A 366 3.29 -14.15 -18.43
C ALA A 366 3.04 -15.44 -19.25
N ARG A 367 3.43 -15.45 -20.53
CA ARG A 367 3.49 -16.67 -21.39
C ARG A 367 2.33 -17.64 -21.15
N GLY A 368 1.10 -17.12 -21.23
CA GLY A 368 -0.14 -17.91 -21.09
C GLY A 368 -0.26 -18.76 -19.83
N GLY A 369 0.71 -18.68 -18.89
CA GLY A 369 0.67 -19.33 -17.57
C GLY A 369 -0.33 -18.60 -16.64
N LYS A 370 -0.52 -19.08 -15.41
CA LYS A 370 -1.56 -18.54 -14.52
C LYS A 370 -1.14 -17.15 -14.00
N VAL A 371 -2.12 -16.25 -13.88
CA VAL A 371 -1.95 -14.91 -13.33
CA VAL A 371 -1.99 -14.89 -13.35
C VAL A 371 -2.66 -14.84 -11.97
N LEU A 372 -1.92 -14.41 -10.93
CA LEU A 372 -2.53 -14.16 -9.62
C LEU A 372 -3.09 -12.73 -9.60
N ASN A 373 -4.29 -12.59 -9.01
CA ASN A 373 -4.99 -11.30 -8.84
C ASN A 373 -5.34 -10.71 -10.19
N PRO A 374 -5.90 -11.49 -11.14
CA PRO A 374 -6.12 -10.98 -12.50
C PRO A 374 -7.20 -9.89 -12.53
N GLN A 375 -7.08 -8.97 -13.48
CA GLN A 375 -8.08 -7.93 -13.71
C GLN A 375 -9.46 -8.57 -13.94
N ASN A 376 -10.49 -7.93 -13.38
CA ASN A 376 -11.89 -8.32 -13.56
C ASN A 376 -12.17 -9.71 -12.98
N ALA A 377 -11.33 -10.17 -12.03
CA ALA A 377 -11.56 -11.43 -11.30
C ALA A 377 -11.80 -12.58 -12.30
N THR A 378 -10.99 -12.61 -13.37
CA THR A 378 -11.06 -13.65 -14.41
CA THR A 378 -11.05 -13.63 -14.41
C THR A 378 -10.36 -14.92 -13.92
N CYS A 379 -11.00 -15.68 -13.05
CA CYS A 379 -10.39 -16.85 -12.41
C CYS A 379 -11.39 -18.03 -12.32
N ALA A 380 -12.39 -18.02 -13.21
CA ALA A 380 -13.39 -19.09 -13.24
C ALA A 380 -12.77 -20.30 -13.93
N GLU A 381 -13.44 -21.47 -13.83
N GLU A 381 -13.43 -21.48 -13.83
CA GLU A 381 -13.00 -22.70 -14.51
CA GLU A 381 -12.98 -22.71 -14.50
C GLU A 381 -12.54 -22.38 -15.93
C GLU A 381 -12.54 -22.38 -15.93
N GLY A 382 -11.24 -22.56 -16.23
CA GLY A 382 -10.68 -22.45 -17.58
C GLY A 382 -10.08 -21.10 -17.96
N GLU A 383 -9.99 -20.10 -17.04
CA GLU A 383 -9.65 -18.73 -17.44
C GLU A 383 -8.15 -18.35 -17.22
N GLY A 384 -7.35 -19.26 -16.69
CA GLY A 384 -5.91 -19.04 -16.50
C GLY A 384 -5.59 -17.95 -15.45
N GLY A 385 -6.50 -17.76 -14.48
CA GLY A 385 -6.28 -16.81 -13.40
C GLY A 385 -6.60 -17.40 -12.04
N VAL A 386 -5.94 -16.88 -11.00
CA VAL A 386 -6.23 -17.25 -9.61
C VAL A 386 -6.60 -15.97 -8.87
N CYS A 387 -7.83 -15.89 -8.33
CA CYS A 387 -8.27 -14.71 -7.57
C CYS A 387 -7.75 -14.88 -6.15
N VAL A 388 -7.50 -13.76 -5.44
CA VAL A 388 -7.04 -13.82 -4.06
C VAL A 388 -8.10 -14.49 -3.17
N SER A 389 -9.37 -14.51 -3.62
CA SER A 389 -10.47 -15.17 -2.90
C SER A 389 -10.36 -16.73 -2.99
N GLN A 390 -9.54 -17.25 -3.91
CA GLN A 390 -9.38 -18.70 -4.12
C GLN A 390 -8.15 -19.25 -3.39
N LEU A 391 -7.30 -18.36 -2.83
CA LEU A 391 -6.11 -18.77 -2.09
C LEU A 391 -6.56 -19.39 -0.76
N VAL A 392 -5.62 -20.09 -0.10
CA VAL A 392 -5.83 -20.72 1.20
C VAL A 392 -4.81 -20.18 2.20
N ALA A 393 -5.26 -19.67 3.34
CA ALA A 393 -4.38 -19.19 4.38
C ALA A 393 -3.65 -20.40 5.01
N SER A 394 -2.39 -20.19 5.44
CA SER A 394 -1.60 -21.18 6.14
C SER A 394 -2.13 -21.37 7.58
N ILE A 395 -2.68 -20.31 8.19
CA ILE A 395 -3.06 -20.27 9.60
C ILE A 395 -4.58 -20.38 9.69
N PRO A 396 -5.09 -21.40 10.40
CA PRO A 396 -6.53 -21.58 10.56
C PRO A 396 -7.22 -20.43 11.28
N ASP A 397 -8.54 -20.31 11.06
CA ASP A 397 -9.39 -19.34 11.74
C ASP A 397 -9.39 -19.67 13.24
N LYS A 398 -8.92 -18.76 14.10
CA LYS A 398 -8.79 -18.97 15.54
C LYS A 398 -10.05 -18.53 16.32
N HIS A 399 -11.01 -17.86 15.69
CA HIS A 399 -12.02 -17.10 16.45
C HIS A 399 -13.44 -17.32 15.92
N ASN A 400 -13.69 -18.42 15.21
CA ASN A 400 -15.05 -18.77 14.79
C ASN A 400 -15.64 -17.60 13.97
N VAL A 401 -14.87 -17.10 12.98
CA VAL A 401 -15.25 -15.98 12.11
C VAL A 401 -15.90 -16.54 10.84
N LEU A 402 -15.30 -17.56 10.23
CA LEU A 402 -15.80 -18.08 8.98
C LEU A 402 -17.09 -18.93 9.19
N ASP A 403 -17.23 -19.52 10.39
N ASP A 403 -17.21 -19.64 10.31
CA ASP A 403 -18.21 -20.55 10.74
CA ASP A 403 -18.25 -20.66 10.50
C ASP A 403 -19.39 -20.00 11.57
C ASP A 403 -19.57 -20.03 10.95
N ARG A 404 -19.56 -18.66 11.62
N ARG A 404 -19.52 -18.80 11.49
CA ARG A 404 -20.70 -17.99 12.23
CA ARG A 404 -20.68 -18.11 12.08
C ARG A 404 -21.22 -16.93 11.24
C ARG A 404 -21.24 -17.04 11.12
N LYS A 405 -22.53 -16.70 11.28
CA LYS A 405 -23.16 -15.58 10.55
C LYS A 405 -22.60 -14.25 11.12
N PRO A 406 -21.98 -13.40 10.28
CA PRO A 406 -21.46 -12.11 10.76
C PRO A 406 -22.52 -11.32 11.55
N ASP A 407 -22.07 -10.62 12.59
CA ASP A 407 -22.86 -9.79 13.51
C ASP A 407 -23.15 -8.41 12.89
N GLU A 408 -22.26 -7.95 12.00
CA GLU A 408 -22.33 -6.61 11.39
C GLU A 408 -22.07 -6.81 9.91
N ASN A 409 -22.95 -6.30 9.06
CA ASN A 409 -22.88 -6.49 7.62
C ASN A 409 -23.00 -5.10 7.00
N ILE A 410 -21.91 -4.58 6.45
CA ILE A 410 -21.79 -3.19 5.99
C ILE A 410 -21.64 -3.20 4.48
N VAL A 411 -22.42 -2.36 3.78
CA VAL A 411 -22.41 -2.25 2.32
C VAL A 411 -21.91 -0.87 1.95
N LEU A 412 -20.84 -0.80 1.13
CA LEU A 412 -20.23 0.45 0.72
C LEU A 412 -20.19 0.50 -0.82
N GLY A 413 -21.02 1.37 -1.39
CA GLY A 413 -20.94 1.68 -2.80
C GLY A 413 -20.00 2.86 -2.99
N PHE A 414 -18.82 2.61 -3.52
CA PHE A 414 -17.79 3.64 -3.71
C PHE A 414 -17.86 4.13 -5.15
N GLY A 415 -17.53 5.41 -5.33
CA GLY A 415 -17.41 5.95 -6.67
C GLY A 415 -17.20 7.46 -6.65
N PHE A 416 -17.74 8.11 -7.68
CA PHE A 416 -17.52 9.54 -7.95
C PHE A 416 -18.84 10.27 -8.16
N TYR A 417 -18.90 11.49 -7.65
CA TYR A 417 -19.83 12.52 -8.14
C TYR A 417 -19.13 13.30 -9.26
N ASN A 418 -19.74 13.29 -10.47
CA ASN A 418 -19.25 14.04 -11.63
C ASN A 418 -19.99 15.39 -11.71
N TYR A 419 -19.27 16.52 -11.52
CA TYR A 419 -19.91 17.83 -11.45
C TYR A 419 -20.57 18.20 -12.79
N LEU A 420 -20.00 17.68 -13.92
CA LEU A 420 -20.47 17.98 -15.25
CA LEU A 420 -20.45 17.90 -15.29
C LEU A 420 -21.89 17.42 -15.44
N HIS A 421 -22.36 16.60 -14.49
CA HIS A 421 -23.68 15.95 -14.57
C HIS A 421 -24.69 16.69 -13.71
N GLY A 422 -24.32 17.87 -13.20
CA GLY A 422 -25.17 18.67 -12.32
C GLY A 422 -24.94 20.17 -12.59
N PRO A 423 -25.54 21.05 -11.80
CA PRO A 423 -25.36 22.50 -11.99
C PRO A 423 -23.88 22.92 -11.74
N ASN A 424 -23.37 23.83 -12.57
CA ASN A 424 -22.00 24.34 -12.47
C ASN A 424 -21.69 24.69 -11.02
N PRO A 425 -20.68 24.04 -10.39
CA PRO A 425 -20.34 24.39 -9.02
C PRO A 425 -19.39 25.61 -8.90
N PHE A 426 -18.93 26.16 -10.02
CA PHE A 426 -17.95 27.27 -10.02
C PHE A 426 -18.64 28.63 -10.17
N ASN A 427 -17.96 29.68 -9.67
CA ASN A 427 -18.34 31.07 -9.89
C ASN A 427 -19.69 31.42 -9.23
N ARG A 428 -20.06 30.74 -8.15
CA ARG A 428 -21.30 31.04 -7.43
C ARG A 428 -21.04 31.03 -5.91
N GLY A 429 -19.82 31.41 -5.51
CA GLY A 429 -19.50 31.71 -4.11
C GLY A 429 -19.36 30.46 -3.21
N ILE A 430 -19.30 29.25 -3.76
CA ILE A 430 -19.12 28.02 -2.96
C ILE A 430 -17.79 27.36 -3.32
N TYR A 431 -17.33 26.44 -2.47
CA TYR A 431 -15.99 25.85 -2.54
C TYR A 431 -16.13 24.31 -2.48
N ASP A 432 -16.58 23.71 -3.58
CA ASP A 432 -16.74 22.26 -3.65
C ASP A 432 -15.42 21.66 -4.12
N ARG A 433 -14.99 20.60 -3.41
CA ARG A 433 -13.75 19.86 -3.72
C ARG A 433 -13.89 19.16 -5.07
N PHE A 434 -12.84 19.22 -5.90
CA PHE A 434 -12.86 18.53 -7.17
C PHE A 434 -11.45 18.12 -7.58
N PHE A 435 -11.35 17.10 -8.42
CA PHE A 435 -10.11 16.77 -9.11
C PHE A 435 -10.45 16.52 -10.57
N VAL A 436 -9.46 16.77 -11.45
CA VAL A 436 -9.62 16.62 -12.89
C VAL A 436 -8.95 15.31 -13.32
N VAL A 437 -9.74 14.39 -13.89
CA VAL A 437 -9.23 13.08 -14.29
C VAL A 437 -8.76 13.18 -15.76
N PRO A 438 -8.03 12.19 -16.31
CA PRO A 438 -7.48 12.30 -17.65
C PRO A 438 -8.48 12.63 -18.76
N ASP A 439 -9.75 12.19 -18.66
CA ASP A 439 -10.72 12.47 -19.74
C ASP A 439 -11.41 13.82 -19.47
N ARG A 440 -10.94 14.59 -18.46
CA ARG A 440 -11.35 15.97 -18.16
C ARG A 440 -12.70 16.03 -17.42
N ASN A 441 -13.23 14.88 -16.98
CA ASN A 441 -14.33 14.89 -16.01
C ASN A 441 -13.86 15.55 -14.70
N LEU A 442 -14.78 16.20 -13.98
CA LEU A 442 -14.52 16.90 -12.73
C LEU A 442 -15.23 16.12 -11.62
N MET A 443 -14.43 15.51 -10.73
CA MET A 443 -14.93 14.49 -9.80
C MET A 443 -14.72 14.90 -8.35
N ASN A 444 -15.60 14.40 -7.48
CA ASN A 444 -15.38 14.29 -6.03
C ASN A 444 -15.69 12.83 -5.64
N SER A 445 -14.95 12.23 -4.69
CA SER A 445 -15.12 10.81 -4.38
C SER A 445 -16.21 10.64 -3.31
N VAL A 446 -16.95 9.50 -3.39
CA VAL A 446 -18.02 9.23 -2.43
C VAL A 446 -17.99 7.75 -2.00
N MET A 447 -18.61 7.51 -0.86
CA MET A 447 -18.98 6.22 -0.31
C MET A 447 -20.43 6.36 0.15
N ASN A 448 -21.35 5.66 -0.53
CA ASN A 448 -22.79 5.81 -0.25
C ASN A 448 -23.17 7.31 -0.32
N ASN A 449 -22.64 8.01 -1.36
CA ASN A 449 -22.96 9.39 -1.70
C ASN A 449 -22.42 10.38 -0.67
N ILE A 450 -21.52 9.92 0.21
CA ILE A 450 -20.86 10.76 1.21
C ILE A 450 -19.39 10.89 0.82
N SER A 451 -18.88 12.13 0.70
CA SER A 451 -17.46 12.41 0.48
C SER A 451 -16.84 12.67 1.86
N PHE A 452 -15.89 11.81 2.26
CA PHE A 452 -15.33 11.87 3.60
C PHE A 452 -14.64 13.23 3.83
N ILE A 453 -14.87 13.83 5.00
CA ILE A 453 -14.01 14.90 5.51
C ILE A 453 -13.62 14.57 6.95
N ALA A 454 -12.47 15.09 7.35
CA ALA A 454 -11.85 14.84 8.64
C ALA A 454 -12.53 15.63 9.73
N PRO A 455 -12.54 15.10 10.97
CA PRO A 455 -12.92 15.91 12.12
C PRO A 455 -11.79 16.90 12.44
N PRO A 456 -12.04 17.89 13.31
CA PRO A 456 -11.05 18.93 13.61
C PRO A 456 -10.01 18.54 14.66
N SER A 457 -10.22 17.39 15.30
CA SER A 457 -9.31 16.77 16.27
C SER A 457 -9.37 15.26 16.07
N PRO A 458 -8.30 14.51 16.43
CA PRO A 458 -8.34 13.04 16.35
C PRO A 458 -9.29 12.49 17.39
N PRO A 459 -10.34 11.73 16.99
CA PRO A 459 -11.27 11.17 17.97
C PRO A 459 -10.66 10.13 18.94
N LEU A 460 -9.55 9.48 18.57
CA LEU A 460 -8.92 8.48 19.41
C LEU A 460 -8.52 9.12 20.75
N SER A 461 -7.95 10.34 20.70
CA SER A 461 -7.43 11.02 21.87
C SER A 461 -8.35 12.17 22.32
N GLN A 462 -9.17 12.76 21.45
CA GLN A 462 -9.91 14.00 21.75
C GLN A 462 -11.41 13.87 21.40
N GLY A 463 -11.97 12.66 21.56
CA GLY A 463 -13.39 12.42 21.28
C GLY A 463 -14.31 13.44 21.96
N ARG A 464 -13.98 13.84 23.18
CA ARG A 464 -14.82 14.77 23.95
C ARG A 464 -14.67 16.23 23.48
N ASP A 465 -13.70 16.54 22.61
CA ASP A 465 -13.54 17.90 22.08
C ASP A 465 -14.25 18.04 20.73
N ILE A 466 -14.89 16.97 20.23
CA ILE A 466 -15.40 17.00 18.87
C ILE A 466 -16.91 17.19 18.93
N PRO A 467 -17.47 18.23 18.28
CA PRO A 467 -18.93 18.37 18.20
C PRO A 467 -19.58 17.15 17.54
N ASP A 468 -20.62 16.56 18.14
CA ASP A 468 -21.39 15.44 17.58
C ASP A 468 -21.82 15.68 16.12
N ASP A 469 -22.16 16.94 15.76
CA ASP A 469 -22.73 17.21 14.43
C ASP A 469 -21.68 17.09 13.29
N VAL A 470 -20.40 16.77 13.56
CA VAL A 470 -19.45 16.57 12.46
C VAL A 470 -19.65 15.17 11.84
N TYR A 471 -20.13 14.18 12.61
CA TYR A 471 -20.31 12.81 12.13
C TYR A 471 -21.58 12.72 11.30
N CYS A 472 -21.57 11.93 10.23
CA CYS A 472 -22.75 11.67 9.43
C CYS A 472 -23.81 11.08 10.38
N PRO A 473 -25.07 11.55 10.28
CA PRO A 473 -26.13 11.03 11.17
C PRO A 473 -26.49 9.58 10.83
N ILE A 474 -26.91 8.84 11.84
CA ILE A 474 -27.34 7.45 11.71
C ILE A 474 -28.84 7.40 11.42
N GLY A 475 -29.23 6.77 10.30
CA GLY A 475 -30.64 6.65 9.92
C GLY A 475 -31.35 5.51 10.64
N ARG A 476 -32.61 5.27 10.28
CA ARG A 476 -33.45 4.27 10.94
C ARG A 476 -32.89 2.87 10.67
N SER A 477 -32.22 2.67 9.50
CA SER A 477 -31.44 1.49 9.10
C SER A 477 -30.43 1.04 10.17
N GLY A 478 -29.90 2.03 10.92
CA GLY A 478 -28.77 1.85 11.81
C GLY A 478 -27.44 2.17 11.10
N PHE A 479 -27.48 2.76 9.92
CA PHE A 479 -26.30 3.11 9.10
C PHE A 479 -26.18 4.62 8.80
N PRO A 480 -24.93 5.13 8.63
CA PRO A 480 -24.73 6.55 8.34
C PRO A 480 -25.42 6.92 7.03
N GLN A 481 -25.89 8.18 6.95
CA GLN A 481 -26.46 8.76 5.75
C GLN A 481 -26.22 10.27 5.75
N CYS A 482 -26.49 10.92 4.63
CA CYS A 482 -26.38 12.39 4.49
C CYS A 482 -27.36 13.08 5.45
N PRO A 483 -27.01 14.22 6.05
CA PRO A 483 -27.98 15.00 6.86
C PRO A 483 -29.21 15.52 6.11
N GLU A 489 -29.07 17.43 -3.54
CA GLU A 489 -27.60 17.56 -3.70
C GLU A 489 -27.08 16.25 -4.31
N GLY A 490 -25.99 16.33 -5.10
CA GLY A 490 -25.41 15.14 -5.72
C GLY A 490 -24.66 14.27 -4.70
N PHE A 491 -24.23 14.87 -3.57
CA PHE A 491 -23.42 14.23 -2.53
C PHE A 491 -23.47 15.12 -1.30
N CYS A 492 -23.05 14.59 -0.16
CA CYS A 492 -22.81 15.38 1.04
C CYS A 492 -21.41 15.09 1.55
N GLU A 493 -20.98 15.88 2.53
CA GLU A 493 -19.68 15.77 3.18
CA GLU A 493 -19.68 15.69 3.18
C GLU A 493 -19.89 15.72 4.68
N CYS A 494 -19.33 14.71 5.36
CA CYS A 494 -19.36 14.60 6.82
C CYS A 494 -18.35 13.53 7.24
N VAL A 495 -18.08 13.42 8.55
CA VAL A 495 -17.16 12.39 9.05
C VAL A 495 -17.95 11.06 9.05
N HIS A 496 -17.68 10.22 8.05
CA HIS A 496 -18.46 9.01 7.77
C HIS A 496 -17.97 7.89 8.69
N LEU A 497 -18.69 7.67 9.80
CA LEU A 497 -18.25 6.83 10.90
C LEU A 497 -19.25 5.69 11.16
N PHE A 498 -18.76 4.46 11.19
CA PHE A 498 -19.49 3.25 11.57
C PHE A 498 -19.01 2.82 12.95
N ARG A 499 -19.95 2.58 13.88
CA ARG A 499 -19.61 2.05 15.20
C ARG A 499 -19.88 0.54 15.19
N VAL A 500 -18.90 -0.26 15.58
CA VAL A 500 -19.14 -1.70 15.81
C VAL A 500 -18.68 -2.06 17.21
N PRO A 501 -19.38 -3.00 17.88
CA PRO A 501 -18.98 -3.46 19.21
C PRO A 501 -17.65 -4.19 19.18
N LEU A 502 -16.86 -4.09 20.25
CA LEU A 502 -15.64 -4.88 20.41
C LEU A 502 -15.99 -6.37 20.31
N GLY A 503 -15.29 -7.11 19.45
CA GLY A 503 -15.46 -8.55 19.30
C GLY A 503 -16.49 -8.90 18.22
N ALA A 504 -17.11 -7.92 17.57
CA ALA A 504 -18.08 -8.23 16.50
C ALA A 504 -17.41 -8.97 15.34
N ASN A 505 -18.13 -9.91 14.70
N ASN A 505 -18.18 -9.84 14.67
CA ASN A 505 -17.74 -10.48 13.43
CA ASN A 505 -17.83 -10.51 13.43
C ASN A 505 -18.34 -9.58 12.36
C ASN A 505 -18.37 -9.66 12.27
N VAL A 506 -17.48 -8.94 11.55
CA VAL A 506 -17.86 -7.91 10.61
C VAL A 506 -17.64 -8.40 9.18
N GLN A 507 -18.66 -8.34 8.33
CA GLN A 507 -18.52 -8.54 6.88
C GLN A 507 -18.77 -7.17 6.22
N ILE A 508 -17.93 -6.84 5.22
CA ILE A 508 -18.02 -5.58 4.49
C ILE A 508 -18.06 -5.97 3.03
N VAL A 509 -19.04 -5.42 2.30
CA VAL A 509 -19.14 -5.64 0.85
C VAL A 509 -18.96 -4.28 0.20
N MET A 510 -17.98 -4.18 -0.71
CA MET A 510 -17.58 -2.94 -1.35
C MET A 510 -17.78 -3.09 -2.87
N GLY A 511 -18.56 -2.18 -3.46
CA GLY A 511 -18.91 -2.24 -4.88
C GLY A 511 -18.57 -0.97 -5.66
N ASP A 512 -18.04 -1.15 -6.88
CA ASP A 512 -17.70 -0.13 -7.86
C ASP A 512 -18.99 0.36 -8.54
N VAL A 513 -19.73 1.29 -7.89
CA VAL A 513 -21.08 1.68 -8.34
C VAL A 513 -21.05 2.74 -9.46
N THR A 514 -19.90 3.44 -9.72
CA THR A 514 -19.73 4.35 -10.87
C THR A 514 -18.45 3.98 -11.63
N PRO A 515 -18.44 2.82 -12.28
CA PRO A 515 -17.23 2.31 -12.92
C PRO A 515 -16.70 3.24 -13.98
N ALA A 516 -15.37 3.38 -14.07
CA ALA A 516 -14.72 4.23 -15.07
C ALA A 516 -13.31 3.71 -15.33
N SER A 517 -12.85 3.82 -16.58
CA SER A 517 -11.45 3.68 -16.96
C SER A 517 -10.80 2.42 -16.42
N ASP A 518 -11.56 1.28 -16.42
CA ASP A 518 -11.04 -0.01 -15.96
C ASP A 518 -10.43 0.08 -14.55
N LEU A 519 -10.91 1.01 -13.71
CA LEU A 519 -10.35 1.17 -12.36
C LEU A 519 -10.63 -0.03 -11.46
N HIS A 520 -9.57 -0.51 -10.79
CA HIS A 520 -9.61 -1.58 -9.77
C HIS A 520 -9.22 -0.94 -8.43
N HIS A 521 -10.21 -0.36 -7.74
CA HIS A 521 -9.96 0.47 -6.54
C HIS A 521 -9.52 -0.44 -5.42
N PRO A 522 -8.31 -0.27 -4.85
CA PRO A 522 -7.84 -1.14 -3.78
C PRO A 522 -8.17 -0.62 -2.39
N PHE A 523 -9.14 -1.23 -1.73
CA PHE A 523 -9.59 -0.80 -0.41
C PHE A 523 -8.74 -1.44 0.69
N HIS A 524 -8.35 -0.59 1.67
CA HIS A 524 -7.40 -0.92 2.70
C HIS A 524 -8.03 -0.58 4.04
N LEU A 525 -7.98 -1.54 4.97
CA LEU A 525 -8.43 -1.36 6.36
C LEU A 525 -7.23 -1.28 7.27
N HIS A 526 -7.14 -0.19 8.05
CA HIS A 526 -6.17 -0.04 9.13
C HIS A 526 -6.51 -0.96 10.31
N GLY A 527 -5.46 -1.39 11.06
CA GLY A 527 -5.60 -2.07 12.33
C GLY A 527 -5.87 -3.56 12.25
N TYR A 528 -6.01 -4.08 11.03
CA TYR A 528 -6.48 -5.42 10.82
C TYR A 528 -6.00 -6.02 9.50
N ASP A 529 -6.10 -7.35 9.44
CA ASP A 529 -6.20 -8.10 8.18
C ASP A 529 -7.59 -8.74 8.14
N PHE A 530 -7.98 -9.26 6.99
CA PHE A 530 -9.34 -9.76 6.82
C PHE A 530 -9.31 -10.94 5.86
N PHE A 531 -10.28 -11.84 6.01
CA PHE A 531 -10.48 -12.91 5.04
C PHE A 531 -11.12 -12.33 3.81
N VAL A 532 -10.67 -12.77 2.63
CA VAL A 532 -11.31 -12.38 1.39
C VAL A 532 -12.43 -13.41 1.09
N ILE A 533 -13.68 -13.00 1.22
CA ILE A 533 -14.87 -13.89 1.18
C ILE A 533 -15.31 -14.13 -0.28
N ALA A 534 -15.36 -13.08 -1.08
CA ALA A 534 -15.86 -13.20 -2.46
C ALA A 534 -15.38 -12.02 -3.29
N MET A 535 -15.27 -12.21 -4.60
CA MET A 535 -15.07 -11.10 -5.50
C MET A 535 -15.50 -11.55 -6.92
N ASP A 536 -16.07 -10.60 -7.69
N ASP A 536 -16.09 -10.62 -7.69
CA ASP A 536 -16.53 -10.85 -9.05
CA ASP A 536 -16.61 -10.89 -9.03
C ASP A 536 -16.97 -9.53 -9.66
C ASP A 536 -17.05 -9.57 -9.64
N GLN A 537 -17.26 -9.54 -10.98
CA GLN A 537 -17.95 -8.43 -11.63
C GLN A 537 -19.47 -8.55 -11.43
N PHE A 538 -20.15 -7.40 -11.39
CA PHE A 538 -21.61 -7.31 -11.43
C PHE A 538 -22.14 -7.78 -12.79
N ARG A 539 -23.32 -8.40 -12.74
CA ARG A 539 -24.15 -8.64 -13.93
C ARG A 539 -25.23 -7.54 -13.93
N ASN A 540 -25.63 -7.08 -15.12
CA ASN A 540 -26.81 -6.21 -15.23
C ASN A 540 -27.97 -6.85 -14.50
N GLY A 541 -28.70 -6.03 -13.72
CA GLY A 541 -29.85 -6.49 -12.94
C GLY A 541 -29.48 -6.92 -11.53
N GLU A 542 -28.18 -7.06 -11.23
N GLU A 542 -28.19 -7.19 -11.30
CA GLU A 542 -27.71 -7.60 -9.96
CA GLU A 542 -27.66 -7.51 -9.99
C GLU A 542 -27.14 -6.47 -9.10
C GLU A 542 -27.41 -6.20 -9.25
N THR A 543 -27.85 -6.11 -8.00
CA THR A 543 -27.49 -4.97 -7.15
C THR A 543 -26.45 -5.40 -6.11
N LEU A 544 -25.71 -4.40 -5.62
CA LEU A 544 -24.76 -4.59 -4.54
C LEU A 544 -25.51 -5.12 -3.31
N ASP A 545 -26.70 -4.58 -3.04
N ASP A 545 -26.72 -4.60 -2.97
CA ASP A 545 -27.55 -5.02 -1.93
CA ASP A 545 -27.46 -5.13 -1.83
C ASP A 545 -27.92 -6.50 -2.09
C ASP A 545 -27.87 -6.59 -2.08
N SER A 546 -28.22 -6.96 -3.32
CA SER A 546 -28.67 -8.35 -3.56
C SER A 546 -27.51 -9.30 -3.27
N ILE A 547 -26.28 -8.91 -3.68
CA ILE A 547 -25.09 -9.73 -3.45
C ILE A 547 -24.79 -9.82 -1.96
N SER A 548 -24.79 -8.65 -1.28
CA SER A 548 -24.53 -8.55 0.17
C SER A 548 -25.51 -9.46 0.92
N SER A 549 -26.82 -9.34 0.61
CA SER A 549 -27.83 -10.11 1.33
C SER A 549 -27.60 -11.60 1.13
N ASN A 550 -27.35 -12.04 -0.12
CA ASN A 550 -27.11 -13.45 -0.40
C ASN A 550 -25.89 -13.97 0.38
N LEU A 551 -24.77 -13.20 0.38
CA LEU A 551 -23.58 -13.67 1.07
C LEU A 551 -23.86 -13.80 2.57
N LEU A 552 -24.63 -12.88 3.14
CA LEU A 552 -24.94 -12.91 4.59
C LEU A 552 -25.79 -14.15 4.91
N GLU A 553 -26.81 -14.41 4.09
CA GLU A 553 -27.79 -15.46 4.45
C GLU A 553 -27.21 -16.85 4.17
N THR A 554 -26.33 -16.99 3.16
CA THR A 554 -25.79 -18.30 2.78
C THR A 554 -24.44 -18.60 3.44
N ASN A 555 -23.73 -17.58 3.93
CA ASN A 555 -22.37 -17.74 4.43
C ASN A 555 -21.40 -18.26 3.35
N LEU A 556 -21.68 -18.01 2.08
CA LEU A 556 -20.84 -18.47 0.95
C LEU A 556 -19.45 -17.79 1.00
N LYS A 557 -18.38 -18.58 0.83
CA LYS A 557 -16.99 -18.12 0.59
C LYS A 557 -16.48 -18.79 -0.71
N GLN A 558 -15.41 -18.27 -1.32
CA GLN A 558 -14.80 -18.83 -2.53
C GLN A 558 -13.63 -19.75 -2.16
N SER A 559 -13.27 -19.85 -0.88
CA SER A 559 -12.23 -20.74 -0.34
C SER A 559 -12.72 -21.25 1.03
N SER A 560 -12.40 -22.49 1.43
CA SER A 560 -12.76 -23.00 2.77
C SER A 560 -11.95 -22.30 3.85
N LEU A 561 -10.79 -21.74 3.48
CA LEU A 561 -9.96 -20.98 4.42
C LEU A 561 -9.27 -19.87 3.63
N PRO A 562 -9.99 -18.74 3.43
CA PRO A 562 -9.49 -17.69 2.56
C PRO A 562 -8.17 -17.11 3.07
N ALA A 563 -7.35 -16.62 2.15
CA ALA A 563 -6.18 -15.80 2.48
C ALA A 563 -6.64 -14.60 3.30
N ARG A 564 -5.77 -14.15 4.19
CA ARG A 564 -5.93 -12.86 4.88
C ARG A 564 -5.15 -11.80 4.11
N LYS A 565 -5.79 -10.65 3.82
CA LYS A 565 -5.16 -9.49 3.18
C LYS A 565 -5.51 -8.25 3.99
N ASP A 566 -4.84 -7.14 3.70
CA ASP A 566 -5.26 -5.87 4.27
C ASP A 566 -5.65 -4.85 3.19
N THR A 567 -5.42 -5.17 1.91
CA THR A 567 -5.70 -4.29 0.79
C THR A 567 -6.26 -5.16 -0.35
N ILE A 568 -7.47 -4.86 -0.87
CA ILE A 568 -8.13 -5.72 -1.84
C ILE A 568 -8.55 -4.88 -3.05
N ALA A 569 -8.09 -5.26 -4.24
CA ALA A 569 -8.35 -4.55 -5.48
C ALA A 569 -9.69 -5.03 -6.03
N VAL A 570 -10.72 -4.18 -5.91
CA VAL A 570 -12.10 -4.53 -6.32
C VAL A 570 -12.14 -4.57 -7.84
N PRO A 571 -12.64 -5.65 -8.47
CA PRO A 571 -12.76 -5.69 -9.92
C PRO A 571 -13.55 -4.50 -10.48
N SER A 572 -13.16 -4.01 -11.66
CA SER A 572 -13.87 -2.97 -12.39
C SER A 572 -15.33 -3.44 -12.60
N ASN A 573 -16.31 -2.56 -12.29
CA ASN A 573 -17.74 -2.88 -12.37
C ASN A 573 -17.99 -4.16 -11.58
N GLY A 574 -17.41 -4.24 -10.38
CA GLY A 574 -17.54 -5.41 -9.53
C GLY A 574 -17.49 -5.08 -8.05
N TYR A 575 -17.27 -6.12 -7.24
N TYR A 575 -17.33 -6.12 -7.24
CA TYR A 575 -17.32 -6.02 -5.79
CA TYR A 575 -17.39 -6.06 -5.78
C TYR A 575 -16.33 -7.00 -5.16
C TYR A 575 -16.33 -6.97 -5.17
N ALA A 576 -16.04 -6.75 -3.87
CA ALA A 576 -15.30 -7.67 -3.04
C ALA A 576 -15.98 -7.67 -1.68
N ALA A 577 -16.01 -8.85 -1.03
CA ALA A 577 -16.51 -9.02 0.32
C ALA A 577 -15.37 -9.52 1.20
N ILE A 578 -15.26 -8.95 2.41
CA ILE A 578 -14.20 -9.24 3.36
C ILE A 578 -14.85 -9.49 4.73
N ARG A 579 -14.15 -10.19 5.61
CA ARG A 579 -14.68 -10.53 6.93
C ARG A 579 -13.55 -10.57 7.96
N PHE A 580 -13.82 -10.02 9.15
CA PHE A 580 -12.82 -10.03 10.22
C PHE A 580 -13.52 -9.96 11.58
N LYS A 581 -12.81 -10.37 12.61
CA LYS A 581 -13.22 -10.18 13.99
CA LYS A 581 -13.25 -10.17 13.99
C LYS A 581 -12.65 -8.86 14.50
N ALA A 582 -13.52 -7.96 14.99
CA ALA A 582 -13.15 -6.62 15.44
C ALA A 582 -12.66 -6.66 16.90
N ASP A 583 -11.49 -7.26 17.13
CA ASP A 583 -10.97 -7.42 18.49
CA ASP A 583 -10.90 -7.48 18.44
C ASP A 583 -9.86 -6.40 18.78
N ASN A 584 -9.67 -5.43 17.87
CA ASN A 584 -8.67 -4.36 18.03
C ASN A 584 -9.45 -3.05 18.20
N PRO A 585 -9.59 -2.51 19.44
CA PRO A 585 -10.39 -1.34 19.67
C PRO A 585 -9.70 -0.08 19.12
N GLY A 586 -10.52 0.91 18.76
CA GLY A 586 -10.03 2.23 18.35
C GLY A 586 -10.78 2.79 17.16
N PHE A 587 -10.08 3.63 16.36
CA PHE A 587 -10.64 4.30 15.20
C PHE A 587 -9.79 3.90 14.00
N TRP A 588 -10.41 3.21 13.05
CA TRP A 588 -9.70 2.54 11.97
C TRP A 588 -10.20 3.02 10.61
N PHE A 589 -9.29 3.62 9.84
CA PHE A 589 -9.57 4.09 8.50
C PHE A 589 -9.77 2.90 7.57
N LEU A 590 -10.78 3.01 6.69
CA LEU A 590 -11.06 2.11 5.58
C LEU A 590 -11.22 2.94 4.32
N HIS A 591 -10.31 2.81 3.35
CA HIS A 591 -10.30 3.79 2.24
C HIS A 591 -9.66 3.20 0.99
N CYS A 592 -9.98 3.84 -0.15
CA CYS A 592 -9.32 3.49 -1.39
C CYS A 592 -7.85 3.90 -1.23
N HIS A 593 -6.91 3.01 -1.58
CA HIS A 593 -5.49 3.29 -1.39
C HIS A 593 -4.95 4.18 -2.53
N PHE A 594 -5.69 4.31 -3.66
CA PHE A 594 -5.30 5.26 -4.70
C PHE A 594 -5.30 6.66 -4.06
N MET A 595 -4.12 7.31 -4.01
CA MET A 595 -3.88 8.47 -3.14
C MET A 595 -4.83 9.64 -3.46
N TYR A 596 -5.13 9.88 -4.74
CA TYR A 596 -5.96 11.01 -5.15
C TYR A 596 -7.45 10.71 -4.88
N HIS A 597 -7.80 9.43 -4.67
CA HIS A 597 -9.18 9.05 -4.29
C HIS A 597 -9.35 9.26 -2.78
N LEU A 598 -8.39 8.80 -1.96
CA LEU A 598 -8.38 9.14 -0.54
C LEU A 598 -8.47 10.66 -0.39
N ALA A 599 -7.66 11.40 -1.14
CA ALA A 599 -7.57 12.86 -1.03
C ALA A 599 -8.91 13.55 -1.33
N THR A 600 -9.82 12.88 -2.08
CA THR A 600 -11.10 13.46 -2.49
C THR A 600 -12.27 12.70 -1.85
N GLY A 601 -12.02 12.00 -0.74
CA GLY A 601 -13.08 11.58 0.17
C GLY A 601 -13.54 10.12 0.02
N MET A 602 -12.75 9.23 -0.62
CA MET A 602 -13.12 7.82 -0.82
C MET A 602 -12.70 7.00 0.42
N ALA A 603 -13.39 7.24 1.55
CA ALA A 603 -12.99 6.72 2.84
C ALA A 603 -14.20 6.69 3.79
N VAL A 604 -14.13 5.79 4.77
CA VAL A 604 -14.96 5.77 5.98
C VAL A 604 -14.07 5.40 7.18
N VAL A 605 -14.62 5.53 8.38
CA VAL A 605 -13.92 5.14 9.61
C VAL A 605 -14.80 4.12 10.34
N PHE A 606 -14.16 3.10 10.92
CA PHE A 606 -14.79 2.16 11.86
C PHE A 606 -14.30 2.45 13.27
N GLN A 607 -15.22 2.77 14.16
CA GLN A 607 -14.92 2.86 15.58
C GLN A 607 -15.25 1.46 16.17
N VAL A 608 -14.23 0.81 16.74
CA VAL A 608 -14.39 -0.51 17.34
C VAL A 608 -14.37 -0.35 18.86
N GLY A 609 -15.47 -0.68 19.51
CA GLY A 609 -15.54 -0.44 20.95
C GLY A 609 -15.73 1.01 21.33
N GLU A 610 -15.42 1.32 22.60
CA GLU A 610 -15.69 2.60 23.25
C GLU A 610 -14.42 3.04 23.98
N GLU A 611 -14.36 4.32 24.32
CA GLU A 611 -13.25 4.90 25.07
C GLU A 611 -13.11 4.06 26.33
N GLY A 612 -11.91 3.67 26.70
CA GLY A 612 -11.76 2.76 27.83
C GLY A 612 -11.44 1.35 27.37
N ASP A 613 -11.92 0.92 26.18
CA ASP A 613 -11.47 -0.32 25.55
C ASP A 613 -10.04 -0.20 25.03
N TRP A 614 -9.70 0.94 24.39
CA TRP A 614 -8.33 1.17 23.93
C TRP A 614 -7.58 1.84 25.08
N PRO A 615 -6.23 1.88 25.04
CA PRO A 615 -5.45 2.44 26.14
C PRO A 615 -5.72 3.91 26.40
N PRO A 616 -5.40 4.41 27.61
CA PRO A 616 -5.56 5.82 27.92
C PRO A 616 -4.62 6.67 27.04
N VAL A 617 -4.95 7.93 26.88
CA VAL A 617 -4.15 8.86 26.07
C VAL A 617 -2.78 8.96 26.72
N PRO A 618 -1.68 8.78 25.97
CA PRO A 618 -0.34 8.92 26.55
C PRO A 618 -0.14 10.30 27.14
N PRO A 619 0.64 10.42 28.26
CA PRO A 619 0.98 11.72 28.81
C PRO A 619 1.62 12.61 27.74
N ASN A 620 1.19 13.89 27.69
CA ASN A 620 1.76 14.93 26.82
C ASN A 620 1.46 14.66 25.34
N PHE A 621 0.50 13.79 25.04
CA PHE A 621 0.17 13.53 23.63
C PHE A 621 -0.28 14.86 23.00
N PRO A 622 0.25 15.26 21.84
CA PRO A 622 -0.17 16.52 21.22
C PRO A 622 -1.68 16.62 20.98
N LYS A 623 -2.22 17.82 21.24
CA LYS A 623 -3.64 18.18 21.10
C LYS A 623 -3.78 19.23 19.99
N CYS A 624 -4.91 19.20 19.29
CA CYS A 624 -5.18 20.13 18.22
C CYS A 624 -6.70 20.29 18.07
N GLY A 625 -7.08 21.38 17.40
CA GLY A 625 -8.47 21.69 17.21
C GLY A 625 -8.60 23.09 16.62
N SER A 626 -9.83 23.43 16.20
CA SER A 626 -10.14 24.78 15.71
C SER A 626 -10.07 25.76 16.89
N TYR A 627 -9.64 26.99 16.62
CA TYR A 627 -9.55 28.06 17.61
C TYR A 627 -10.51 29.17 17.17
N GLN A 628 -11.71 29.19 17.75
CA GLN A 628 -12.75 30.15 17.37
C GLN A 628 -13.41 30.72 18.61
N PRO A 629 -12.72 31.59 19.39
CA PRO A 629 -13.33 32.17 20.58
C PRO A 629 -14.56 33.02 20.21
N THR A 630 -15.60 32.91 21.05
CA THR A 630 -16.80 33.72 20.95
C THR A 630 -16.42 35.20 20.84
N VAL A 631 -16.98 35.89 19.83
CA VAL A 631 -16.85 37.33 19.67
C VAL A 631 -18.00 38.04 20.44
N SER A 632 -17.63 38.92 21.39
CA SER A 632 -18.53 39.85 22.09
C SER A 632 -18.17 41.30 21.69
N LEU A 633 -19.10 42.26 21.94
CA LEU A 633 -18.82 43.69 21.94
C LEU A 633 -18.16 44.08 23.27
#